data_5FSE
#
_entry.id   5FSE
#
_cell.length_a   131.834
_cell.length_b   131.834
_cell.length_c   188.580
_cell.angle_alpha   90.00
_cell.angle_beta   90.00
_cell.angle_gamma   120.00
#
_symmetry.space_group_name_H-M   'P 63 2 2'
#
loop_
_entity.id
_entity.type
_entity.pdbx_description
1 polymer 'UREASE SUBUNIT GAMMA'
2 polymer 'UREASE SUBUNIT BETA'
3 polymer 'UREASE SUBUNIT ALPHA'
4 non-polymer 1,2-ETHANEDIOL
5 non-polymer 'SULFATE ION'
6 non-polymer 'NICKEL (II) ION'
7 non-polymer 'HYDROXIDE ION'
8 non-polymer benzene-1,4-diol
9 water water
#
loop_
_entity_poly.entity_id
_entity_poly.type
_entity_poly.pdbx_seq_one_letter_code
_entity_poly.pdbx_strand_id
1 'polypeptide(L)'
;(CXM)HLNPAEKEKLQIFLASELALKRKARGLKLNYPEAVAIITSFIMEGARDGKTVAMLMEEGKHVLTRDDVMEGVPEM
IDDIQAEATFPDGTKLVTVHNPIS
;
A
2 'polypeptide(L)'
;MSNNNYIVPGEYRVAEGEIEINAGREKTTIRVSNTGDRPIQVGSHIHFVEVNKELLFDRAEGIGRRLNIPSGTAARFEPG
EEMEVELTELGGNREVFGISDLTNGSVDNKELILQRAKELGYKGVE
;
B
3 'polypeptide(L)'
;MKINRQQYAESYGPTVGDQVRLADTDLWIEVEKDYTTYGDEANFGGGKVLREGMGENGTYTRTENVLDLLLTNALILDYT
GIYKADIGVKDGYIVGIGKGGNPDIMDGVTPNMIVGTATEVIAAEGKIVTAGGIDTHVHFINPDQVDVALANGITTLFGG
GTGPAEGSKATTVTPGPWNIEKMLKSTEGLPINVGILGKGHGSSIAPIMEQIDAGAAGL(KCX)IHEDWGATPASIDRSL
TVADEADVQVAIHSDTLNEAGFLEDTLRAINGRVIHSFHVEGAGGGHAPDIMAMAGHPNVLPSSTNPTRPFTVNTIDEHL
DMLMVCHHLKQNIPEDVAFADSRIRPETIAAEDILHDLGIISMMSTDALAMGRAGEMVLRTWQTADKMKKQRGPLAEEKN
GSDNFRAKRYVSKYTINPAIAQGIAHEVGSIEEGKFADLVLWEPKFFGVKADRVIKGGIIAYAQIGDPSASIPTPQPVMG
RRMYGTVGDLIHDTNITFMSKSSIQQGVPAKLGLKRRIGTVKNCRNIGKKDMKWNDVTTDIDINPETYEVKVDGEVLTCE
PVKELPMAQRYFLF
;
C
#
loop_
_chem_comp.id
_chem_comp.type
_chem_comp.name
_chem_comp.formula
EDO non-polymer 1,2-ETHANEDIOL 'C2 H6 O2'
HQE non-polymer benzene-1,4-diol 'C6 H6 O2'
NI non-polymer 'NICKEL (II) ION' 'Ni 2'
OH non-polymer 'HYDROXIDE ION' 'H O -1'
SO4 non-polymer 'SULFATE ION' 'O4 S -2'
#
# COMPACT_ATOMS: atom_id res chain seq x y z
N CXM A 1 31.21 -1.79 26.84
CA CXM A 1 31.41 -1.91 25.39
CB CXM A 1 30.45 -2.88 24.72
CG CXM A 1 30.65 -4.28 25.24
SD CXM A 1 29.59 -5.44 24.40
CE CXM A 1 28.16 -5.32 25.39
C CXM A 1 31.26 -0.58 24.70
O CXM A 1 31.94 -0.34 23.71
CN CXM A 1 31.99 -0.93 27.59
ON1 CXM A 1 32.87 -0.13 27.03
ON2 CXM A 1 31.96 -0.79 28.82
N HIS A 2 30.38 0.27 25.22
CA HIS A 2 30.02 1.54 24.62
C HIS A 2 29.39 1.33 23.25
N LEU A 3 28.42 0.45 23.11
CA LEU A 3 27.77 0.26 21.81
C LEU A 3 26.97 1.49 21.41
N ASN A 4 27.16 1.93 20.17
CA ASN A 4 26.42 3.02 19.59
C ASN A 4 25.25 2.41 18.87
N PRO A 5 24.35 3.22 18.34
CA PRO A 5 23.14 2.62 17.75
C PRO A 5 23.37 1.63 16.55
N ALA A 6 24.31 1.94 15.67
CA ALA A 6 24.55 1.07 14.53
C ALA A 6 25.19 -0.24 14.95
N GLU A 7 26.08 -0.19 15.93
CA GLU A 7 26.64 -1.40 16.49
C GLU A 7 25.56 -2.34 16.96
N LYS A 8 24.58 -1.83 17.68
CA LYS A 8 23.49 -2.63 18.12
C LYS A 8 22.72 -3.23 16.97
N GLU A 9 22.36 -2.42 16.01
CA GLU A 9 21.54 -2.95 14.92
C GLU A 9 22.27 -3.97 14.16
N LYS A 10 23.56 -3.72 13.91
CA LYS A 10 24.35 -4.59 13.04
C LYS A 10 24.60 -5.97 13.65
N LEU A 11 24.52 -6.09 14.98
CA LEU A 11 24.54 -7.39 15.57
C LEU A 11 23.47 -8.29 15.04
N GLN A 12 22.30 -7.73 14.70
N GLN A 12 22.32 -7.75 14.66
CA GLN A 12 21.18 -8.51 14.15
CA GLN A 12 21.23 -8.63 14.24
C GLN A 12 21.49 -9.20 12.82
C GLN A 12 21.36 -9.13 12.77
N ILE A 13 22.22 -8.51 11.98
CA ILE A 13 22.59 -9.05 10.66
C ILE A 13 23.47 -10.28 10.87
N PHE A 14 24.45 -10.16 11.79
CA PHE A 14 25.33 -11.24 12.08
C PHE A 14 24.47 -12.40 12.55
N LEU A 15 23.51 -12.12 13.43
CA LEU A 15 22.71 -13.17 13.99
C LEU A 15 21.89 -13.79 12.90
N ALA A 16 21.32 -12.99 12.02
CA ALA A 16 20.54 -13.59 10.92
C ALA A 16 21.40 -14.44 9.97
N SER A 17 22.62 -13.97 9.70
CA SER A 17 23.53 -14.70 8.90
C SER A 17 23.84 -16.07 9.53
N GLU A 18 24.04 -16.13 10.83
CA GLU A 18 24.27 -17.42 11.52
C GLU A 18 23.06 -18.36 11.37
N LEU A 19 21.88 -17.83 11.51
CA LEU A 19 20.67 -18.59 11.30
C LEU A 19 20.58 -19.16 9.90
N ALA A 20 20.79 -18.29 8.93
CA ALA A 20 20.77 -18.67 7.55
C ALA A 20 21.86 -19.72 7.19
N LEU A 21 23.05 -19.58 7.74
CA LEU A 21 24.11 -20.57 7.49
C LEU A 21 23.73 -21.93 8.07
N LYS A 22 23.12 -21.95 9.24
N LYS A 22 23.15 -21.95 9.26
CA LYS A 22 22.66 -23.19 9.83
CA LYS A 22 22.65 -23.19 9.83
C LYS A 22 21.59 -23.87 8.97
C LYS A 22 21.67 -23.86 8.88
N ARG A 23 20.77 -23.07 8.32
CA ARG A 23 19.72 -23.59 7.43
C ARG A 23 20.33 -24.17 6.15
N LYS A 24 21.30 -23.47 5.60
CA LYS A 24 21.98 -23.95 4.42
C LYS A 24 22.68 -25.27 4.73
N ALA A 25 23.38 -25.32 5.85
CA ALA A 25 24.04 -26.57 6.27
C ALA A 25 23.08 -27.71 6.41
N ARG A 26 21.82 -27.50 6.66
CA ARG A 26 20.98 -28.67 6.73
C ARG A 26 20.28 -28.96 5.44
N GLY A 27 20.70 -28.28 4.39
CA GLY A 27 20.29 -28.64 3.07
C GLY A 27 19.25 -27.76 2.45
N LEU A 28 18.90 -26.62 3.05
CA LEU A 28 17.79 -25.82 2.51
C LEU A 28 18.32 -24.85 1.47
N LYS A 29 17.55 -24.67 0.41
CA LYS A 29 17.70 -23.53 -0.45
C LYS A 29 17.30 -22.25 0.29
N LEU A 30 18.14 -21.24 0.23
CA LEU A 30 17.95 -20.05 1.01
C LEU A 30 16.96 -19.12 0.38
N ASN A 31 16.23 -18.41 1.24
CA ASN A 31 15.31 -17.39 0.76
C ASN A 31 15.93 -16.00 0.65
N TYR A 32 15.11 -15.02 0.33
CA TYR A 32 15.55 -13.66 0.14
C TYR A 32 16.24 -13.06 1.41
N PRO A 33 15.56 -12.96 2.57
CA PRO A 33 16.29 -12.33 3.67
C PRO A 33 17.53 -13.10 4.13
N GLU A 34 17.47 -14.42 4.06
CA GLU A 34 18.61 -15.30 4.38
C GLU A 34 19.83 -14.97 3.52
N ALA A 35 19.59 -14.96 2.22
CA ALA A 35 20.63 -14.67 1.28
C ALA A 35 21.27 -13.32 1.57
N VAL A 36 20.42 -12.30 1.74
CA VAL A 36 20.88 -10.94 2.00
C VAL A 36 21.70 -10.87 3.28
N ALA A 37 21.26 -11.59 4.29
CA ALA A 37 22.00 -11.62 5.53
C ALA A 37 23.37 -12.23 5.40
N ILE A 38 23.45 -13.37 4.76
CA ILE A 38 24.73 -14.01 4.60
C ILE A 38 25.74 -13.10 3.86
N ILE A 39 25.33 -12.50 2.76
CA ILE A 39 26.20 -11.65 1.99
C ILE A 39 26.59 -10.41 2.80
N THR A 40 25.65 -9.82 3.52
CA THR A 40 25.93 -8.62 4.26
C THR A 40 26.94 -8.88 5.33
N SER A 41 26.74 -9.96 6.05
CA SER A 41 27.62 -10.28 7.14
C SER A 41 29.01 -10.62 6.61
N PHE A 42 29.06 -11.24 5.44
CA PHE A 42 30.35 -11.55 4.83
C PHE A 42 31.09 -10.26 4.55
N ILE A 43 30.39 -9.24 4.04
CA ILE A 43 31.03 -7.96 3.78
C ILE A 43 31.54 -7.33 5.05
N MET A 44 30.75 -7.30 6.09
CA MET A 44 31.18 -6.65 7.34
C MET A 44 32.38 -7.31 8.01
N GLU A 45 32.39 -8.65 8.04
CA GLU A 45 33.50 -9.44 8.51
C GLU A 45 34.76 -9.28 7.63
N GLY A 46 34.59 -9.15 6.34
CA GLY A 46 35.69 -8.82 5.49
C GLY A 46 36.35 -7.51 5.83
N ALA A 47 35.52 -6.50 6.18
CA ALA A 47 36.06 -5.22 6.51
C ALA A 47 36.82 -5.31 7.81
N ARG A 48 36.26 -6.06 8.74
CA ARG A 48 36.92 -6.34 9.97
C ARG A 48 38.27 -7.05 9.78
N ASP A 49 38.33 -7.91 8.79
CA ASP A 49 39.61 -8.54 8.43
C ASP A 49 40.59 -7.64 7.76
N GLY A 50 40.20 -6.49 7.27
CA GLY A 50 41.13 -5.61 6.69
C GLY A 50 41.23 -5.70 5.17
N LYS A 51 40.30 -6.39 4.54
CA LYS A 51 40.21 -6.35 3.11
C LYS A 51 39.88 -4.92 2.58
N THR A 52 39.98 -4.70 1.28
CA THR A 52 39.69 -3.38 0.72
C THR A 52 38.29 -3.41 0.18
N VAL A 53 37.77 -2.21 -0.07
CA VAL A 53 36.46 -2.13 -0.66
C VAL A 53 36.42 -2.89 -1.98
N ALA A 54 37.46 -2.74 -2.77
CA ALA A 54 37.52 -3.48 -4.07
C ALA A 54 37.51 -5.00 -3.92
N MET A 55 38.35 -5.54 -3.04
CA MET A 55 38.26 -6.97 -2.76
C MET A 55 36.80 -7.41 -2.43
N LEU A 56 36.07 -6.65 -1.63
CA LEU A 56 34.79 -7.13 -1.15
C LEU A 56 33.78 -6.93 -2.25
N MET A 57 33.99 -5.93 -3.08
CA MET A 57 33.17 -5.79 -4.28
C MET A 57 33.29 -7.01 -5.18
N GLU A 58 34.49 -7.58 -5.29
CA GLU A 58 34.67 -8.78 -6.11
C GLU A 58 34.12 -9.98 -5.38
N GLU A 59 34.59 -10.19 -4.16
CA GLU A 59 34.30 -11.44 -3.45
C GLU A 59 32.81 -11.61 -3.25
N GLY A 60 32.12 -10.49 -3.11
CA GLY A 60 30.75 -10.51 -2.69
C GLY A 60 29.87 -11.16 -3.72
N LYS A 61 30.36 -11.19 -4.95
CA LYS A 61 29.68 -11.86 -6.07
C LYS A 61 29.78 -13.37 -6.09
N HIS A 62 30.54 -13.96 -5.19
CA HIS A 62 30.80 -15.41 -5.19
C HIS A 62 30.55 -16.05 -3.85
N VAL A 63 29.76 -15.43 -2.99
CA VAL A 63 29.45 -15.99 -1.69
C VAL A 63 28.33 -17.03 -1.81
N LEU A 64 27.30 -16.75 -2.60
CA LEU A 64 26.23 -17.66 -2.83
C LEU A 64 25.99 -17.71 -4.33
N THR A 65 25.65 -18.89 -4.84
CA THR A 65 25.32 -19.05 -6.26
C THR A 65 23.83 -19.45 -6.39
N ARG A 66 23.33 -19.50 -7.60
CA ARG A 66 21.92 -19.66 -7.77
C ARG A 66 21.35 -20.97 -7.25
N ASP A 67 22.15 -22.00 -7.24
CA ASP A 67 21.73 -23.23 -6.68
C ASP A 67 21.79 -23.21 -5.17
N ASP A 68 22.33 -22.19 -4.52
CA ASP A 68 22.14 -22.06 -3.06
C ASP A 68 20.77 -21.48 -2.65
N VAL A 69 20.02 -20.86 -3.57
CA VAL A 69 18.86 -20.13 -3.20
C VAL A 69 17.61 -20.57 -3.91
N MET A 70 16.46 -20.12 -3.46
CA MET A 70 15.22 -20.46 -4.11
CA MET A 70 15.21 -20.44 -4.11
C MET A 70 15.08 -19.71 -5.46
N GLU A 71 14.21 -20.25 -6.31
CA GLU A 71 13.80 -19.68 -7.58
C GLU A 71 13.37 -18.23 -7.38
N GLY A 72 13.90 -17.37 -8.24
CA GLY A 72 13.61 -15.95 -8.17
C GLY A 72 14.47 -15.14 -7.23
N VAL A 73 15.05 -15.76 -6.21
CA VAL A 73 15.90 -14.97 -5.30
C VAL A 73 17.04 -14.22 -6.02
N PRO A 74 17.70 -14.83 -6.97
CA PRO A 74 18.79 -14.13 -7.59
C PRO A 74 18.34 -12.86 -8.24
N GLU A 75 17.15 -12.93 -8.84
CA GLU A 75 16.60 -11.81 -9.54
C GLU A 75 15.98 -10.77 -8.64
N MET A 76 15.61 -11.12 -7.42
CA MET A 76 15.11 -10.15 -6.47
C MET A 76 16.23 -9.28 -5.93
N ILE A 77 17.45 -9.80 -5.96
CA ILE A 77 18.56 -9.09 -5.35
C ILE A 77 19.43 -8.38 -6.31
N ASP A 78 19.18 -7.08 -6.50
CA ASP A 78 19.93 -6.31 -7.50
C ASP A 78 21.26 -5.82 -7.01
N ASP A 79 21.31 -5.50 -5.72
N ASP A 79 21.31 -5.33 -5.77
CA ASP A 79 22.57 -5.34 -5.05
CA ASP A 79 22.55 -4.81 -5.14
C ASP A 79 22.40 -5.33 -3.59
C ASP A 79 22.42 -5.08 -3.63
N ILE A 80 23.54 -5.32 -2.93
CA ILE A 80 23.56 -5.36 -1.50
C ILE A 80 24.58 -4.37 -1.03
N GLN A 81 24.20 -3.59 -0.02
CA GLN A 81 25.01 -2.48 0.48
CA GLN A 81 25.08 -2.55 0.48
C GLN A 81 25.26 -2.63 1.97
N ALA A 82 26.49 -2.33 2.41
CA ALA A 82 26.79 -2.37 3.80
C ALA A 82 27.89 -1.41 4.10
N GLU A 83 27.87 -0.86 5.30
CA GLU A 83 28.93 -0.05 5.83
C GLU A 83 29.54 -0.76 7.00
N ALA A 84 30.86 -0.68 7.05
CA ALA A 84 31.59 -1.25 8.18
C ALA A 84 32.85 -0.46 8.40
N THR A 85 33.48 -0.71 9.50
CA THR A 85 34.67 -0.01 9.84
C THR A 85 35.86 -0.78 9.28
N PHE A 86 36.51 -0.20 8.29
CA PHE A 86 37.76 -0.69 7.69
C PHE A 86 38.92 -0.13 8.56
N PRO A 87 40.16 -0.55 8.28
CA PRO A 87 41.28 -0.02 9.03
C PRO A 87 41.37 1.46 8.82
N ASP A 88 40.89 1.95 7.66
CA ASP A 88 40.86 3.38 7.41
C ASP A 88 39.47 4.02 7.57
N GLY A 89 38.62 3.49 8.47
CA GLY A 89 37.33 4.15 8.84
C GLY A 89 36.14 3.49 8.23
N THR A 90 34.97 4.09 8.39
CA THR A 90 33.75 3.51 7.84
C THR A 90 33.74 3.71 6.39
N LYS A 91 33.42 2.69 5.63
CA LYS A 91 33.25 2.85 4.18
C LYS A 91 32.07 2.00 3.74
N LEU A 92 31.55 2.35 2.57
CA LEU A 92 30.40 1.72 1.98
C LEU A 92 30.84 0.76 0.92
N VAL A 93 30.31 -0.46 0.98
CA VAL A 93 30.52 -1.45 -0.06
C VAL A 93 29.23 -1.74 -0.77
N THR A 94 29.21 -1.70 -2.09
CA THR A 94 28.05 -2.09 -2.85
C THR A 94 28.41 -3.31 -3.71
N VAL A 95 27.67 -4.37 -3.54
CA VAL A 95 27.84 -5.55 -4.39
C VAL A 95 26.67 -5.64 -5.36
N HIS A 96 26.93 -5.50 -6.66
N HIS A 96 26.97 -5.61 -6.64
CA HIS A 96 25.88 -5.54 -7.69
CA HIS A 96 25.98 -5.58 -7.69
C HIS A 96 25.64 -6.98 -8.11
C HIS A 96 25.66 -7.00 -8.13
N ASN A 97 24.38 -7.36 -8.26
CA ASN A 97 24.00 -8.69 -8.70
C ASN A 97 24.84 -9.73 -8.02
N PRO A 98 24.76 -9.81 -6.69
CA PRO A 98 25.63 -10.72 -5.98
C PRO A 98 25.42 -12.21 -6.32
N ILE A 99 24.24 -12.61 -6.78
CA ILE A 99 23.98 -14.02 -7.09
C ILE A 99 23.56 -14.09 -8.53
N SER A 100 24.35 -14.67 -9.40
CA SER A 100 24.10 -14.60 -10.87
C SER A 100 23.14 -15.63 -11.55
N ASN B 5 7.89 -20.53 -17.59
CA ASN B 5 7.34 -20.56 -16.21
C ASN B 5 8.30 -20.46 -14.98
N TYR B 6 9.57 -20.06 -15.14
CA TYR B 6 10.39 -19.61 -13.97
C TYR B 6 9.78 -18.29 -13.48
N ILE B 7 9.66 -18.12 -12.18
CA ILE B 7 9.04 -16.89 -11.66
C ILE B 7 10.03 -15.87 -11.23
N VAL B 8 10.03 -14.72 -11.89
CA VAL B 8 10.78 -13.61 -11.35
C VAL B 8 9.78 -12.72 -10.59
N PRO B 9 9.93 -12.60 -9.27
CA PRO B 9 8.89 -11.88 -8.50
C PRO B 9 8.79 -10.46 -8.98
N GLY B 10 7.58 -10.01 -9.27
CA GLY B 10 7.38 -8.60 -9.67
C GLY B 10 7.85 -8.23 -11.06
N GLU B 11 8.09 -9.22 -11.92
CA GLU B 11 8.60 -8.91 -13.28
C GLU B 11 7.54 -8.26 -14.12
N TYR B 12 8.01 -7.50 -15.11
CA TYR B 12 7.18 -6.88 -16.10
C TYR B 12 7.02 -7.81 -17.29
N ARG B 13 5.94 -7.63 -18.02
CA ARG B 13 5.71 -8.24 -19.33
C ARG B 13 5.19 -7.04 -20.11
N VAL B 14 6.10 -6.27 -20.69
CA VAL B 14 5.74 -5.05 -21.39
C VAL B 14 5.09 -5.39 -22.73
N ALA B 15 4.17 -4.57 -23.18
CA ALA B 15 3.55 -4.81 -24.45
C ALA B 15 4.50 -4.47 -25.60
N GLU B 16 4.08 -4.83 -26.80
CA GLU B 16 4.79 -4.53 -28.05
C GLU B 16 4.66 -3.09 -28.44
N GLY B 17 5.71 -2.56 -28.99
CA GLY B 17 5.59 -1.25 -29.57
C GLY B 17 6.74 -0.40 -29.15
N GLU B 18 6.59 0.88 -29.35
CA GLU B 18 7.57 1.84 -28.90
C GLU B 18 6.84 3.14 -28.68
N ILE B 19 7.40 3.98 -27.85
CA ILE B 19 6.70 5.15 -27.37
C ILE B 19 7.35 6.30 -28.07
N GLU B 20 6.59 7.10 -28.78
CA GLU B 20 7.16 8.27 -29.43
C GLU B 20 6.98 9.45 -28.52
N ILE B 21 8.06 10.12 -28.21
CA ILE B 21 8.03 11.25 -27.31
C ILE B 21 7.83 12.53 -28.05
N ASN B 22 7.19 13.49 -27.37
CA ASN B 22 6.97 14.78 -27.95
C ASN B 22 6.27 14.73 -29.32
N ALA B 23 5.27 13.87 -29.46
CA ALA B 23 4.67 13.59 -30.76
C ALA B 23 3.95 14.80 -31.25
N GLY B 24 4.06 15.06 -32.52
CA GLY B 24 3.32 16.16 -33.10
C GLY B 24 3.95 17.52 -33.00
N ARG B 25 5.04 17.69 -32.26
CA ARG B 25 5.72 18.98 -32.15
C ARG B 25 6.84 19.15 -33.17
N GLU B 26 7.06 20.38 -33.60
CA GLU B 26 8.15 20.64 -34.55
C GLU B 26 9.47 20.24 -33.97
N LYS B 27 10.29 19.60 -34.78
CA LYS B 27 11.67 19.25 -34.48
C LYS B 27 12.68 20.16 -35.18
N THR B 28 13.85 20.41 -34.61
CA THR B 28 14.85 21.26 -35.23
C THR B 28 16.20 20.80 -34.82
N THR B 29 17.10 20.65 -35.78
CA THR B 29 18.48 20.24 -35.51
C THR B 29 19.45 21.42 -35.61
N ILE B 30 20.32 21.62 -34.64
CA ILE B 30 21.31 22.67 -34.69
C ILE B 30 22.64 22.17 -34.21
N ARG B 31 23.71 22.85 -34.59
CA ARG B 31 25.04 22.51 -34.15
C ARG B 31 25.36 23.34 -32.94
N VAL B 32 26.07 22.78 -31.97
CA VAL B 32 26.27 23.45 -30.70
C VAL B 32 27.66 23.13 -30.24
N SER B 33 28.39 24.13 -29.77
CA SER B 33 29.70 23.82 -29.34
C SER B 33 30.09 24.43 -28.01
N ASN B 34 30.78 23.61 -27.21
CA ASN B 34 31.24 24.01 -25.88
C ASN B 34 32.57 24.67 -26.09
N THR B 35 32.55 25.99 -26.06
CA THR B 35 33.78 26.76 -26.21
C THR B 35 34.52 26.91 -24.88
N GLY B 36 33.99 26.39 -23.80
CA GLY B 36 34.64 26.47 -22.50
C GLY B 36 35.54 25.28 -22.25
N ASP B 37 36.22 25.28 -21.10
CA ASP B 37 37.23 24.24 -20.81
C ASP B 37 36.79 23.23 -19.78
N ARG B 38 35.52 23.27 -19.46
CA ARG B 38 34.93 22.36 -18.50
C ARG B 38 33.69 21.78 -19.12
N PRO B 39 33.29 20.59 -18.71
CA PRO B 39 32.11 19.93 -19.29
C PRO B 39 30.77 20.58 -18.95
N ILE B 40 29.83 20.49 -19.87
CA ILE B 40 28.54 21.11 -19.73
C ILE B 40 27.52 20.03 -20.08
N GLN B 41 26.62 19.73 -19.17
CA GLN B 41 25.57 18.74 -19.43
C GLN B 41 24.20 19.45 -19.30
N VAL B 42 23.34 19.23 -20.29
CA VAL B 42 22.12 20.00 -20.43
C VAL B 42 20.89 19.08 -20.34
N GLY B 43 19.95 19.41 -19.50
CA GLY B 43 18.80 18.54 -19.31
C GLY B 43 17.69 18.69 -20.33
N SER B 44 16.78 17.73 -20.30
CA SER B 44 15.71 17.64 -21.27
C SER B 44 14.76 18.82 -21.31
N HIS B 45 14.60 19.52 -20.19
CA HIS B 45 13.55 20.51 -20.11
C HIS B 45 13.98 21.92 -19.84
N ILE B 46 15.26 22.18 -19.95
CA ILE B 46 15.70 23.56 -19.82
C ILE B 46 15.50 24.31 -21.15
N HIS B 47 14.81 25.46 -21.08
CA HIS B 47 14.67 26.35 -22.23
C HIS B 47 16.01 26.57 -22.93
N PHE B 48 16.16 26.14 -24.17
CA PHE B 48 17.49 25.93 -24.67
C PHE B 48 18.32 27.24 -24.82
N VAL B 49 17.65 28.34 -25.14
CA VAL B 49 18.34 29.60 -25.27
C VAL B 49 18.98 30.05 -23.98
N GLU B 50 18.58 29.49 -22.85
CA GLU B 50 19.13 29.96 -21.60
C GLU B 50 20.28 29.13 -21.03
N VAL B 51 20.83 28.19 -21.83
CA VAL B 51 21.96 27.39 -21.34
C VAL B 51 23.23 28.23 -21.29
N ASN B 52 24.22 27.67 -20.59
CA ASN B 52 25.55 28.21 -20.39
C ASN B 52 25.96 29.12 -21.54
N LYS B 53 26.34 30.34 -21.19
CA LYS B 53 26.89 31.36 -22.10
C LYS B 53 27.90 30.80 -23.04
N GLU B 54 28.75 29.88 -22.55
CA GLU B 54 29.90 29.41 -23.37
C GLU B 54 29.55 28.36 -24.44
N LEU B 55 28.30 27.87 -24.42
CA LEU B 55 27.82 27.08 -25.55
C LEU B 55 27.52 28.02 -26.70
N LEU B 56 28.20 27.79 -27.82
CA LEU B 56 28.01 28.64 -29.00
C LEU B 56 27.08 27.91 -29.91
N PHE B 57 26.00 28.58 -30.27
CA PHE B 57 25.04 28.09 -31.26
C PHE B 57 24.13 29.25 -31.63
N ASP B 58 23.32 29.08 -32.65
CA ASP B 58 22.41 30.13 -33.06
C ASP B 58 21.32 30.30 -31.97
N ARG B 59 21.45 31.30 -31.12
CA ARG B 59 20.62 31.37 -29.92
C ARG B 59 19.16 31.52 -30.27
N ALA B 60 18.85 32.18 -31.41
CA ALA B 60 17.49 32.31 -31.84
C ALA B 60 16.84 30.97 -32.01
N GLU B 61 17.57 29.93 -32.37
CA GLU B 61 16.93 28.63 -32.64
C GLU B 61 16.69 27.85 -31.39
N GLY B 62 17.22 28.32 -30.28
CA GLY B 62 16.86 27.76 -29.00
C GLY B 62 15.65 28.33 -28.34
N ILE B 63 15.10 29.41 -28.90
CA ILE B 63 14.00 30.11 -28.24
C ILE B 63 12.71 29.32 -28.40
N GLY B 64 12.03 29.04 -27.29
CA GLY B 64 10.73 28.33 -27.36
C GLY B 64 10.89 26.84 -27.47
N ARG B 65 12.09 26.36 -27.15
CA ARG B 65 12.45 24.96 -27.39
C ARG B 65 13.29 24.36 -26.28
N ARG B 66 13.38 23.05 -26.36
CA ARG B 66 14.24 22.29 -25.46
C ARG B 66 14.68 21.06 -26.22
N LEU B 67 15.62 20.32 -25.62
CA LEU B 67 16.13 19.07 -26.23
C LEU B 67 15.03 18.01 -26.39
N ASN B 68 15.04 17.39 -27.57
CA ASN B 68 14.16 16.32 -27.91
C ASN B 68 14.75 15.01 -27.48
N ILE B 69 14.87 14.83 -26.16
CA ILE B 69 15.36 13.60 -25.56
C ILE B 69 14.39 13.16 -24.45
N PRO B 70 14.48 11.92 -24.03
CA PRO B 70 13.52 11.47 -23.08
C PRO B 70 13.59 12.28 -21.83
N SER B 71 12.42 12.45 -21.24
CA SER B 71 12.27 13.26 -20.07
C SER B 71 13.23 12.74 -19.00
N GLY B 72 14.02 13.64 -18.42
CA GLY B 72 14.95 13.25 -17.38
C GLY B 72 16.37 12.87 -17.83
N THR B 73 16.66 12.90 -19.12
CA THR B 73 18.00 12.64 -19.60
C THR B 73 18.64 13.95 -19.97
N ALA B 74 19.90 13.90 -20.37
CA ALA B 74 20.68 15.10 -20.65
C ALA B 74 21.70 14.90 -21.78
N ALA B 75 22.01 15.93 -22.55
CA ALA B 75 23.09 15.90 -23.51
C ALA B 75 24.39 16.38 -22.88
N ARG B 76 25.50 15.69 -23.16
CA ARG B 76 26.80 16.08 -22.58
C ARG B 76 27.74 16.66 -23.62
N PHE B 77 28.33 17.83 -23.32
CA PHE B 77 29.32 18.47 -24.15
C PHE B 77 30.63 18.47 -23.39
N GLU B 78 31.60 17.70 -23.83
CA GLU B 78 32.94 17.79 -23.21
C GLU B 78 33.57 19.11 -23.63
N PRO B 79 34.63 19.54 -22.93
CA PRO B 79 35.23 20.81 -23.36
C PRO B 79 35.71 20.79 -24.79
N GLY B 80 35.41 21.83 -25.54
CA GLY B 80 35.77 21.90 -26.94
C GLY B 80 34.87 21.09 -27.83
N GLU B 81 33.94 20.34 -27.29
CA GLU B 81 33.15 19.46 -28.17
C GLU B 81 32.13 20.25 -28.96
N GLU B 82 32.07 19.98 -30.26
CA GLU B 82 30.95 20.41 -31.10
C GLU B 82 30.10 19.22 -31.57
N MET B 83 28.78 19.26 -31.39
CA MET B 83 27.90 18.26 -31.97
C MET B 83 26.51 18.82 -32.35
N GLU B 84 25.72 18.01 -33.02
CA GLU B 84 24.40 18.40 -33.39
C GLU B 84 23.49 17.87 -32.33
N VAL B 85 22.47 18.64 -32.01
CA VAL B 85 21.42 18.17 -31.14
C VAL B 85 20.09 18.45 -31.84
N GLU B 86 19.09 17.65 -31.48
CA GLU B 86 17.76 17.88 -31.92
C GLU B 86 16.91 18.57 -30.81
N LEU B 87 16.21 19.64 -31.20
CA LEU B 87 15.27 20.33 -30.29
C LEU B 87 13.80 20.00 -30.59
N THR B 88 12.96 20.12 -29.56
CA THR B 88 11.53 20.09 -29.81
C THR B 88 10.93 21.37 -29.23
N GLU B 89 9.66 21.62 -29.52
CA GLU B 89 9.02 22.85 -29.03
C GLU B 89 8.51 22.74 -27.57
N LEU B 90 8.68 23.78 -26.77
CA LEU B 90 7.99 23.86 -25.50
C LEU B 90 6.48 23.79 -25.72
N GLY B 91 5.78 23.20 -24.76
CA GLY B 91 4.31 23.11 -24.76
C GLY B 91 3.66 23.97 -23.69
N GLY B 92 2.43 23.64 -23.30
CA GLY B 92 1.71 24.39 -22.27
C GLY B 92 1.45 25.81 -22.75
N ASN B 93 1.59 26.78 -21.86
CA ASN B 93 1.50 28.19 -22.20
C ASN B 93 2.70 28.75 -22.95
N ARG B 94 3.79 28.01 -23.11
CA ARG B 94 4.94 28.53 -23.86
C ARG B 94 5.40 29.84 -23.23
N GLU B 95 5.63 29.76 -21.95
CA GLU B 95 6.19 30.85 -21.14
C GLU B 95 7.33 30.30 -20.35
N VAL B 96 8.34 31.10 -20.13
CA VAL B 96 9.46 30.67 -19.32
C VAL B 96 9.76 31.75 -18.37
N PHE B 97 9.95 31.36 -17.10
CA PHE B 97 10.32 32.27 -16.02
C PHE B 97 11.55 31.77 -15.35
N GLY B 98 12.37 32.70 -14.85
CA GLY B 98 13.56 32.35 -14.11
C GLY B 98 14.61 31.72 -14.98
N ILE B 99 15.24 30.67 -14.46
CA ILE B 99 16.44 30.04 -15.11
C ILE B 99 17.54 31.06 -15.26
N SER B 100 17.73 31.62 -16.45
CA SER B 100 18.77 32.63 -16.60
C SER B 100 18.18 34.02 -16.68
N ASP B 101 16.87 34.15 -16.49
CA ASP B 101 16.19 35.44 -16.60
C ASP B 101 16.31 36.11 -17.99
N LEU B 102 16.43 35.34 -19.04
CA LEU B 102 16.42 35.87 -20.38
C LEU B 102 15.02 36.03 -20.92
N THR B 103 14.02 35.32 -20.36
CA THR B 103 12.69 35.33 -20.97
C THR B 103 11.61 36.01 -20.10
N ASN B 104 11.34 35.42 -18.95
CA ASN B 104 10.37 35.90 -18.01
C ASN B 104 9.07 36.36 -18.64
N GLY B 105 8.42 35.44 -19.29
CA GLY B 105 7.25 35.73 -20.07
C GLY B 105 7.12 34.81 -21.27
N SER B 106 6.30 35.22 -22.21
CA SER B 106 6.12 34.49 -23.43
C SER B 106 7.46 34.31 -24.16
N VAL B 107 7.62 33.11 -24.73
CA VAL B 107 8.77 32.82 -25.56
C VAL B 107 8.64 33.50 -26.94
N ASP B 108 7.47 34.07 -27.26
CA ASP B 108 7.33 34.84 -28.47
C ASP B 108 8.14 36.13 -28.47
N ASN B 109 8.56 36.67 -27.35
CA ASN B 109 9.33 37.90 -27.43
C ASN B 109 10.78 37.67 -27.87
N LYS B 110 10.95 37.30 -29.12
CA LYS B 110 12.26 36.86 -29.62
C LYS B 110 13.32 37.95 -29.50
N GLU B 111 12.94 39.16 -29.90
N GLU B 111 12.99 39.17 -29.88
CA GLU B 111 13.82 40.33 -29.93
CA GLU B 111 13.99 40.21 -29.93
C GLU B 111 14.36 40.59 -28.55
C GLU B 111 14.39 40.64 -28.53
N LEU B 112 13.45 40.59 -27.59
CA LEU B 112 13.76 40.95 -26.20
C LEU B 112 14.68 39.89 -25.56
N ILE B 113 14.36 38.64 -25.79
CA ILE B 113 15.22 37.57 -25.30
C ILE B 113 16.63 37.71 -25.88
N LEU B 114 16.71 37.90 -27.20
CA LEU B 114 18.01 38.02 -27.82
C LEU B 114 18.79 39.22 -27.37
N GLN B 115 18.11 40.34 -27.08
N GLN B 115 18.15 40.35 -27.07
CA GLN B 115 18.80 41.55 -26.61
CA GLN B 115 18.92 41.52 -26.63
C GLN B 115 19.41 41.31 -25.23
C GLN B 115 19.45 41.30 -25.22
N ARG B 116 18.65 40.64 -24.39
CA ARG B 116 19.11 40.33 -23.06
C ARG B 116 20.29 39.36 -23.17
N ALA B 117 20.14 38.35 -24.01
CA ALA B 117 21.20 37.38 -24.21
C ALA B 117 22.50 38.04 -24.62
N LYS B 118 22.37 38.95 -25.58
CA LYS B 118 23.57 39.59 -26.11
C LYS B 118 24.18 40.52 -25.07
N GLU B 119 23.42 41.35 -24.37
CA GLU B 119 24.05 42.15 -23.29
C GLU B 119 24.77 41.33 -22.23
N LEU B 120 24.28 40.12 -21.93
CA LEU B 120 24.87 39.29 -20.84
C LEU B 120 25.95 38.41 -21.37
N GLY B 121 26.11 38.36 -22.68
CA GLY B 121 27.22 37.62 -23.23
C GLY B 121 26.93 36.15 -23.50
N TYR B 122 25.70 35.79 -23.84
CA TYR B 122 25.42 34.44 -24.25
C TYR B 122 25.89 34.31 -25.68
N LYS B 123 26.72 33.33 -25.97
CA LYS B 123 27.30 33.25 -27.32
C LYS B 123 26.35 32.82 -28.39
N GLY B 124 26.53 33.45 -29.55
CA GLY B 124 25.78 33.07 -30.76
C GLY B 124 24.52 33.85 -31.00
N VAL B 125 24.40 35.04 -30.42
CA VAL B 125 23.28 35.93 -30.75
C VAL B 125 23.58 36.64 -32.07
N GLU B 126 22.83 36.30 -33.10
CA GLU B 126 23.31 36.55 -34.46
C GLU B 126 22.62 37.72 -35.10
N MET C 1 11.82 10.73 -32.30
CA MET C 1 12.49 9.87 -31.30
C MET C 1 11.50 8.93 -30.62
N LYS C 2 11.81 7.65 -30.62
CA LYS C 2 11.01 6.64 -29.96
C LYS C 2 11.85 5.84 -28.93
N ILE C 3 11.20 5.35 -27.89
CA ILE C 3 11.88 4.63 -26.81
C ILE C 3 11.26 3.27 -26.85
N ASN C 4 12.06 2.21 -26.75
CA ASN C 4 11.38 0.95 -26.71
C ASN C 4 10.71 0.72 -25.36
N ARG C 5 9.79 -0.21 -25.34
N ARG C 5 9.73 -0.16 -25.34
CA ARG C 5 8.88 -0.35 -24.27
CA ARG C 5 8.88 -0.29 -24.21
C ARG C 5 9.48 -0.92 -22.98
C ARG C 5 9.61 -0.76 -22.95
N GLN C 6 10.55 -1.70 -23.10
CA GLN C 6 11.25 -2.22 -21.97
C GLN C 6 12.04 -1.10 -21.29
N GLN C 7 12.73 -0.28 -22.08
CA GLN C 7 13.40 0.83 -21.54
C GLN C 7 12.40 1.84 -20.93
N TYR C 8 11.27 2.09 -21.61
CA TYR C 8 10.35 3.07 -21.09
C TYR C 8 9.94 2.63 -19.71
N ALA C 9 9.51 1.39 -19.60
CA ALA C 9 9.04 0.86 -18.34
C ALA C 9 10.09 0.86 -17.28
N GLU C 10 11.32 0.58 -17.66
CA GLU C 10 12.39 0.63 -16.68
C GLU C 10 12.66 2.00 -16.14
N SER C 11 12.54 3.04 -16.96
CA SER C 11 12.72 4.39 -16.51
C SER C 11 11.51 5.06 -15.86
N TYR C 12 10.32 4.87 -16.41
CA TYR C 12 9.16 5.62 -15.95
C TYR C 12 8.05 4.75 -15.31
N GLY C 13 8.26 3.47 -15.19
CA GLY C 13 7.25 2.54 -14.75
C GLY C 13 6.45 2.18 -15.98
N PRO C 14 5.61 1.15 -15.88
CA PRO C 14 4.91 0.61 -17.04
C PRO C 14 3.86 1.53 -17.62
N THR C 15 3.48 1.31 -18.89
CA THR C 15 2.41 2.12 -19.50
C THR C 15 1.38 1.22 -20.17
N VAL C 16 0.48 1.86 -20.92
CA VAL C 16 -0.74 1.21 -21.37
C VAL C 16 -0.42 -0.12 -22.03
N GLY C 17 -1.10 -1.16 -21.55
CA GLY C 17 -0.94 -2.50 -22.00
C GLY C 17 0.18 -3.31 -21.38
N ASP C 18 1.14 -2.70 -20.73
CA ASP C 18 2.13 -3.47 -20.00
C ASP C 18 1.50 -4.20 -18.80
N GLN C 19 2.05 -5.34 -18.47
CA GLN C 19 1.66 -6.07 -17.30
C GLN C 19 2.75 -6.24 -16.27
N VAL C 20 2.32 -6.53 -15.04
CA VAL C 20 3.19 -6.67 -13.90
C VAL C 20 2.73 -7.80 -13.02
N ARG C 21 3.69 -8.61 -12.59
CA ARG C 21 3.42 -9.68 -11.74
C ARG C 21 3.35 -9.21 -10.28
N LEU C 22 2.28 -9.60 -9.63
CA LEU C 22 2.10 -9.38 -8.20
C LEU C 22 2.93 -10.33 -7.33
N ALA C 23 4.05 -9.80 -6.84
CA ALA C 23 4.99 -10.57 -6.07
C ALA C 23 5.34 -11.84 -6.78
N ASP C 24 5.33 -12.97 -6.09
CA ASP C 24 5.66 -14.23 -6.73
C ASP C 24 4.39 -15.06 -6.99
N THR C 25 3.25 -14.40 -7.08
CA THR C 25 2.02 -15.12 -7.42
C THR C 25 1.98 -15.27 -8.94
N ASP C 26 0.92 -15.92 -9.42
N ASP C 26 0.95 -15.91 -9.48
CA ASP C 26 0.63 -16.03 -10.84
CA ASP C 26 0.77 -15.90 -10.93
C ASP C 26 -0.25 -14.88 -11.35
C ASP C 26 -0.34 -14.93 -11.30
N LEU C 27 -0.48 -13.84 -10.53
CA LEU C 27 -1.43 -12.79 -10.89
C LEU C 27 -0.73 -11.66 -11.61
N TRP C 28 -1.33 -11.19 -12.70
CA TRP C 28 -0.74 -10.12 -13.52
C TRP C 28 -1.74 -9.00 -13.65
N ILE C 29 -1.31 -7.79 -13.34
CA ILE C 29 -2.17 -6.66 -13.57
C ILE C 29 -1.68 -5.92 -14.79
N GLU C 30 -2.62 -5.28 -15.48
CA GLU C 30 -2.33 -4.60 -16.72
C GLU C 30 -2.68 -3.11 -16.64
N VAL C 31 -1.78 -2.23 -17.06
CA VAL C 31 -2.02 -0.80 -17.02
C VAL C 31 -3.18 -0.46 -17.96
N GLU C 32 -4.26 0.15 -17.46
CA GLU C 32 -5.46 0.33 -18.32
C GLU C 32 -5.43 1.61 -19.12
N LYS C 33 -4.82 2.64 -18.55
CA LYS C 33 -4.68 3.92 -19.19
C LYS C 33 -3.61 4.66 -18.44
N ASP C 34 -3.17 5.74 -18.99
CA ASP C 34 -2.00 6.42 -18.52
C ASP C 34 -2.27 7.89 -18.76
N TYR C 35 -2.20 8.66 -17.70
CA TYR C 35 -2.52 10.07 -17.77
C TYR C 35 -1.35 10.92 -18.27
N THR C 36 -0.21 10.32 -18.58
CA THR C 36 0.98 11.16 -18.85
C THR C 36 0.89 11.81 -20.27
N THR C 37 1.85 12.66 -20.56
CA THR C 37 2.13 13.08 -21.92
C THR C 37 3.56 12.61 -22.20
N TYR C 38 3.71 11.71 -23.17
CA TYR C 38 4.98 11.07 -23.46
C TYR C 38 6.00 12.10 -23.89
N GLY C 39 7.10 12.17 -23.15
CA GLY C 39 8.08 13.17 -23.33
C GLY C 39 8.06 14.24 -22.25
N ASP C 40 6.95 14.35 -21.54
CA ASP C 40 6.84 15.29 -20.45
C ASP C 40 6.66 14.61 -19.09
N GLU C 41 7.08 13.35 -18.95
CA GLU C 41 6.89 12.64 -17.70
C GLU C 41 7.62 13.42 -16.61
N ALA C 42 7.03 13.49 -15.45
CA ALA C 42 7.74 14.07 -14.28
C ALA C 42 8.70 13.09 -13.65
N ASN C 43 9.80 13.63 -13.18
CA ASN C 43 10.82 12.89 -12.45
C ASN C 43 11.70 13.89 -11.77
N PHE C 44 12.43 13.45 -10.76
CA PHE C 44 13.18 14.34 -9.89
C PHE C 44 14.60 13.84 -9.71
N GLY C 45 15.59 14.75 -9.69
CA GLY C 45 16.99 14.39 -9.41
C GLY C 45 17.87 15.34 -10.20
N GLY C 46 19.18 15.13 -10.16
CA GLY C 46 20.13 15.97 -10.87
C GLY C 46 19.88 15.91 -12.34
N GLY C 47 19.76 17.07 -12.98
CA GLY C 47 19.46 17.16 -14.41
C GLY C 47 18.10 16.61 -14.84
N LYS C 48 17.20 16.40 -13.89
CA LYS C 48 15.93 15.85 -14.24
C LYS C 48 14.97 16.98 -14.42
N VAL C 49 13.71 16.65 -14.52
CA VAL C 49 12.71 17.55 -15.06
C VAL C 49 12.09 18.53 -14.04
N LEU C 50 11.88 18.06 -12.80
CA LEU C 50 11.28 18.92 -11.78
C LEU C 50 12.29 19.89 -11.17
N ARG C 51 12.62 20.91 -11.93
CA ARG C 51 13.58 21.91 -11.55
C ARG C 51 12.99 23.25 -11.96
N GLU C 52 13.37 24.28 -11.24
CA GLU C 52 12.81 25.61 -11.36
C GLU C 52 12.95 26.13 -12.76
N GLY C 53 11.82 26.59 -13.30
CA GLY C 53 11.72 27.09 -14.69
C GLY C 53 11.42 26.01 -15.70
N MET C 54 11.44 24.77 -15.28
CA MET C 54 11.31 23.62 -16.19
C MET C 54 10.05 22.89 -15.73
N GLY C 55 10.16 21.67 -15.21
CA GLY C 55 8.97 20.95 -14.74
C GLY C 55 8.47 21.47 -13.40
N GLU C 56 9.30 22.25 -12.69
CA GLU C 56 8.86 22.97 -11.52
C GLU C 56 8.61 24.45 -11.82
N ASN C 57 7.41 24.91 -11.48
CA ASN C 57 7.03 26.31 -11.64
C ASN C 57 7.64 27.14 -10.56
N GLY C 58 8.23 28.27 -10.90
CA GLY C 58 8.87 29.16 -9.97
C GLY C 58 8.05 30.37 -9.58
N THR C 59 6.83 30.46 -10.08
CA THR C 59 6.08 31.70 -10.02
C THR C 59 5.07 31.60 -8.90
N TYR C 60 4.32 30.51 -8.82
CA TYR C 60 3.16 30.42 -7.96
C TYR C 60 3.38 30.08 -6.48
N THR C 61 2.64 30.79 -5.62
CA THR C 61 2.65 30.50 -4.20
C THR C 61 1.89 29.23 -3.93
N ARG C 62 2.01 28.72 -2.73
CA ARG C 62 1.44 27.45 -2.48
C ARG C 62 -0.09 27.43 -2.71
N THR C 63 -0.78 28.52 -2.40
CA THR C 63 -2.26 28.60 -2.56
CA THR C 63 -2.25 28.54 -2.55
C THR C 63 -2.72 28.49 -4.02
N GLU C 64 -1.83 28.84 -4.94
N GLU C 64 -1.89 28.87 -4.95
CA GLU C 64 -2.13 28.99 -6.35
CA GLU C 64 -2.36 28.94 -6.28
C GLU C 64 -1.97 27.64 -7.10
C GLU C 64 -1.98 27.66 -7.02
N ASN C 65 -2.75 26.63 -6.75
CA ASN C 65 -2.72 25.37 -7.49
C ASN C 65 -1.47 24.52 -7.37
N VAL C 66 -0.62 24.84 -6.40
CA VAL C 66 0.60 24.13 -6.18
C VAL C 66 0.39 23.01 -5.15
N LEU C 67 1.10 21.91 -5.34
CA LEU C 67 0.96 20.74 -4.47
C LEU C 67 1.92 20.81 -3.30
N ASP C 68 1.53 20.21 -2.19
CA ASP C 68 2.46 19.91 -1.09
C ASP C 68 3.40 18.71 -1.41
N LEU C 69 2.86 17.75 -2.18
CA LEU C 69 3.53 16.52 -2.50
C LEU C 69 3.04 15.99 -3.82
N LEU C 70 3.97 15.54 -4.67
CA LEU C 70 3.65 14.82 -5.90
C LEU C 70 4.30 13.47 -5.88
N LEU C 71 3.50 12.41 -6.07
CA LEU C 71 3.96 11.03 -6.29
C LEU C 71 4.04 10.85 -7.78
N THR C 72 5.23 10.73 -8.34
CA THR C 72 5.37 10.65 -9.80
C THR C 72 5.25 9.22 -10.33
N ASN C 73 4.60 9.09 -11.47
CA ASN C 73 4.57 7.83 -12.21
C ASN C 73 4.11 6.59 -11.41
N ALA C 74 3.02 6.74 -10.70
CA ALA C 74 2.51 5.66 -9.87
C ALA C 74 1.65 4.71 -10.68
N LEU C 75 1.80 3.41 -10.42
CA LEU C 75 0.85 2.44 -10.92
C LEU C 75 -0.16 2.16 -9.84
N ILE C 76 -1.32 2.73 -10.05
CA ILE C 76 -2.41 2.68 -9.11
C ILE C 76 -3.23 1.42 -9.27
N LEU C 77 -3.41 0.76 -8.15
CA LEU C 77 -4.28 -0.42 -8.05
C LEU C 77 -5.37 -0.15 -7.05
N ASP C 78 -6.59 -0.01 -7.54
CA ASP C 78 -7.71 0.49 -6.73
C ASP C 78 -9.02 -0.08 -7.27
N TYR C 79 -10.12 -0.05 -6.50
CA TYR C 79 -11.37 -0.51 -7.06
C TYR C 79 -11.78 0.32 -8.27
N THR C 80 -11.30 1.56 -8.41
CA THR C 80 -11.70 2.44 -9.50
C THR C 80 -10.90 2.22 -10.77
N GLY C 81 -9.85 1.40 -10.71
CA GLY C 81 -9.06 1.09 -11.84
C GLY C 81 -7.62 0.71 -11.56
N ILE C 82 -6.97 0.21 -12.60
CA ILE C 82 -5.51 -0.10 -12.61
C ILE C 82 -4.91 0.72 -13.69
N TYR C 83 -4.18 1.74 -13.29
CA TYR C 83 -3.78 2.73 -14.26
C TYR C 83 -2.61 3.54 -13.75
N LYS C 84 -2.01 4.29 -14.66
CA LYS C 84 -0.79 5.03 -14.42
C LYS C 84 -1.07 6.54 -14.34
N ALA C 85 -0.61 7.19 -13.27
CA ALA C 85 -0.87 8.60 -13.06
C ALA C 85 0.06 9.16 -12.01
N ASP C 86 0.25 10.47 -12.04
CA ASP C 86 0.85 11.16 -10.92
C ASP C 86 -0.23 11.37 -9.88
N ILE C 87 0.17 11.46 -8.63
CA ILE C 87 -0.83 11.71 -7.57
C ILE C 87 -0.43 12.94 -6.80
N GLY C 88 -1.33 13.92 -6.71
CA GLY C 88 -1.03 15.15 -6.00
C GLY C 88 -1.71 15.27 -4.66
N VAL C 89 -0.96 15.69 -3.64
CA VAL C 89 -1.47 15.78 -2.32
C VAL C 89 -1.27 17.21 -1.80
N LYS C 90 -2.25 17.68 -1.03
CA LYS C 90 -2.25 19.00 -0.41
C LYS C 90 -3.12 19.02 0.83
N ASP C 91 -2.65 19.63 1.89
CA ASP C 91 -3.28 19.64 3.19
C ASP C 91 -3.58 18.26 3.69
N GLY C 92 -2.77 17.30 3.29
CA GLY C 92 -2.96 15.94 3.82
C GLY C 92 -4.00 15.13 3.07
N TYR C 93 -4.57 15.71 2.02
CA TYR C 93 -5.53 15.03 1.18
C TYR C 93 -5.06 14.88 -0.29
N ILE C 94 -5.57 13.87 -0.94
CA ILE C 94 -5.36 13.69 -2.35
C ILE C 94 -6.22 14.73 -3.07
N VAL C 95 -5.61 15.66 -3.78
CA VAL C 95 -6.37 16.71 -4.47
C VAL C 95 -6.38 16.50 -5.98
N GLY C 96 -5.51 15.67 -6.53
CA GLY C 96 -5.45 15.48 -7.98
C GLY C 96 -4.84 14.14 -8.32
N ILE C 97 -5.45 13.47 -9.27
CA ILE C 97 -4.86 12.30 -9.89
C ILE C 97 -4.78 12.66 -11.36
N GLY C 98 -3.60 12.66 -11.93
CA GLY C 98 -3.49 13.04 -13.31
C GLY C 98 -2.05 13.23 -13.69
N LYS C 99 -1.71 14.43 -14.12
CA LYS C 99 -0.40 14.71 -14.61
C LYS C 99 0.14 15.97 -13.92
N GLY C 100 1.23 15.83 -13.19
CA GLY C 100 1.81 16.95 -12.47
C GLY C 100 2.97 17.57 -13.19
N GLY C 101 3.26 18.82 -12.87
CA GLY C 101 4.38 19.50 -13.50
C GLY C 101 4.17 20.98 -13.63
N ASN C 102 4.58 21.56 -14.75
CA ASN C 102 4.57 23.02 -14.90
C ASN C 102 3.87 23.38 -16.19
N PRO C 103 2.71 24.04 -16.08
CA PRO C 103 1.99 24.42 -17.31
C PRO C 103 2.67 25.52 -18.11
N ASP C 104 3.71 26.17 -17.58
CA ASP C 104 4.55 27.08 -18.39
C ASP C 104 4.99 26.43 -19.69
N ILE C 105 5.47 25.18 -19.59
CA ILE C 105 6.18 24.53 -20.67
C ILE C 105 5.72 23.13 -21.01
N MET C 106 4.75 22.56 -20.29
CA MET C 106 4.36 21.17 -20.43
C MET C 106 2.95 21.08 -20.89
N ASP C 107 2.71 20.15 -21.80
CA ASP C 107 1.37 19.86 -22.19
C ASP C 107 0.75 18.88 -21.17
N GLY C 108 -0.56 19.02 -20.97
CA GLY C 108 -1.38 18.04 -20.28
C GLY C 108 -1.35 18.11 -18.77
N VAL C 109 -0.98 19.24 -18.15
CA VAL C 109 -0.78 19.24 -16.74
C VAL C 109 -2.15 19.43 -16.10
N THR C 110 -2.54 18.57 -15.19
CA THR C 110 -3.78 18.77 -14.45
C THR C 110 -3.65 20.09 -13.69
N PRO C 111 -4.66 20.96 -13.79
CA PRO C 111 -4.50 22.35 -13.39
C PRO C 111 -4.19 22.61 -11.91
N ASN C 112 -4.64 21.73 -11.01
CA ASN C 112 -4.27 21.88 -9.60
C ASN C 112 -3.10 20.97 -9.19
N MET C 113 -2.27 20.54 -10.16
CA MET C 113 -1.18 19.63 -9.86
C MET C 113 0.14 20.28 -10.28
N ILE C 114 0.27 21.55 -9.92
CA ILE C 114 1.47 22.25 -10.23
C ILE C 114 2.56 21.90 -9.20
N VAL C 115 3.75 21.61 -9.71
CA VAL C 115 4.89 21.43 -8.87
C VAL C 115 5.49 22.78 -8.70
N GLY C 116 5.55 23.23 -7.45
CA GLY C 116 6.09 24.51 -7.14
C GLY C 116 7.15 24.46 -6.08
N THR C 117 7.45 25.63 -5.58
CA THR C 117 8.45 25.77 -4.54
C THR C 117 8.04 24.97 -3.32
N ALA C 118 6.73 24.87 -3.09
CA ALA C 118 6.17 24.19 -1.93
C ALA C 118 6.08 22.72 -2.04
N THR C 119 6.47 22.17 -3.17
CA THR C 119 6.19 20.74 -3.44
C THR C 119 7.36 19.77 -3.11
N GLU C 120 7.08 18.78 -2.27
CA GLU C 120 7.93 17.61 -2.04
C GLU C 120 7.64 16.58 -3.15
N VAL C 121 8.63 15.75 -3.47
CA VAL C 121 8.47 14.66 -4.43
C VAL C 121 8.75 13.26 -3.91
N ILE C 122 7.83 12.35 -4.20
CA ILE C 122 8.07 10.93 -4.01
C ILE C 122 8.03 10.28 -5.38
N ALA C 123 9.09 9.58 -5.71
CA ALA C 123 9.21 8.88 -7.00
C ALA C 123 8.47 7.55 -6.89
N ALA C 124 7.37 7.38 -7.59
CA ALA C 124 6.68 6.13 -7.55
C ALA C 124 6.83 5.29 -8.82
N GLU C 125 7.58 5.74 -9.81
CA GLU C 125 7.90 4.95 -11.00
C GLU C 125 8.46 3.62 -10.56
N GLY C 126 7.83 2.56 -11.04
CA GLY C 126 8.21 1.20 -10.73
C GLY C 126 7.51 0.65 -9.52
N LYS C 127 6.69 1.46 -8.87
CA LYS C 127 5.93 1.00 -7.71
C LYS C 127 4.48 0.84 -8.05
N ILE C 128 3.84 -0.05 -7.32
CA ILE C 128 2.40 -0.13 -7.24
C ILE C 128 1.93 0.67 -6.02
N VAL C 129 0.92 1.53 -6.23
CA VAL C 129 0.38 2.33 -5.17
C VAL C 129 -1.07 1.94 -4.90
N THR C 130 -1.37 1.61 -3.65
CA THR C 130 -2.72 1.31 -3.25
C THR C 130 -3.17 2.23 -2.11
N ALA C 131 -4.46 2.26 -1.89
CA ALA C 131 -4.96 2.81 -0.65
C ALA C 131 -4.46 1.98 0.54
N GLY C 132 -4.39 2.62 1.69
CA GLY C 132 -4.10 1.91 2.89
C GLY C 132 -5.24 0.97 3.26
N GLY C 133 -4.89 -0.15 3.84
CA GLY C 133 -5.85 -1.14 4.24
C GLY C 133 -6.65 -0.69 5.45
N ILE C 134 -7.89 -1.15 5.47
CA ILE C 134 -8.85 -0.79 6.47
C ILE C 134 -9.24 -2.08 7.14
N ASP C 135 -8.67 -2.28 8.32
CA ASP C 135 -8.95 -3.46 9.14
C ASP C 135 -10.05 -3.18 10.18
N THR C 136 -11.19 -3.84 10.01
CA THR C 136 -12.38 -3.59 10.78
C THR C 136 -12.61 -4.65 11.84
N HIS C 137 -11.66 -5.54 12.01
CA HIS C 137 -11.80 -6.51 13.08
C HIS C 137 -10.54 -6.55 13.93
N VAL C 138 -10.30 -5.50 14.69
CA VAL C 138 -9.07 -5.42 15.48
C VAL C 138 -9.33 -5.52 16.96
N HIS C 139 -8.61 -6.39 17.66
CA HIS C 139 -8.60 -6.42 19.12
C HIS C 139 -7.41 -5.64 19.59
N PHE C 140 -7.65 -4.65 20.39
CA PHE C 140 -6.59 -3.81 20.91
C PHE C 140 -6.06 -4.48 22.13
N ILE C 141 -5.02 -5.27 21.92
CA ILE C 141 -4.48 -6.16 22.93
C ILE C 141 -3.03 -5.82 23.28
N ASN C 142 -2.25 -5.38 22.33
CA ASN C 142 -0.84 -5.20 22.50
C ASN C 142 -0.42 -4.13 21.48
N PRO C 143 0.10 -3.02 21.96
CA PRO C 143 0.39 -1.87 21.14
C PRO C 143 1.45 -2.14 20.07
N ASP C 144 2.25 -3.19 20.26
CA ASP C 144 3.24 -3.59 19.24
C ASP C 144 2.55 -4.05 17.96
N GLN C 145 1.26 -4.33 18.05
CA GLN C 145 0.45 -4.71 16.90
C GLN C 145 0.29 -3.66 15.83
N VAL C 146 0.52 -2.39 16.17
CA VAL C 146 0.37 -1.31 15.23
C VAL C 146 1.42 -1.35 14.14
N ASP C 147 2.68 -1.47 14.52
CA ASP C 147 3.75 -1.59 13.55
C ASP C 147 3.60 -2.81 12.70
N VAL C 148 3.07 -3.89 13.26
CA VAL C 148 2.84 -5.11 12.50
C VAL C 148 1.86 -4.78 11.39
N ALA C 149 0.79 -4.03 11.73
CA ALA C 149 -0.20 -3.69 10.72
C ALA C 149 0.38 -2.74 9.66
N LEU C 150 1.05 -1.67 10.06
CA LEU C 150 1.68 -0.77 9.07
C LEU C 150 2.62 -1.46 8.05
N ALA C 151 3.39 -2.44 8.53
CA ALA C 151 4.38 -3.13 7.72
C ALA C 151 3.73 -3.90 6.58
N ASN C 152 2.49 -4.34 6.76
CA ASN C 152 1.73 -4.94 5.66
C ASN C 152 0.70 -4.01 5.03
N GLY C 153 0.94 -2.71 5.09
CA GLY C 153 0.15 -1.70 4.41
C GLY C 153 -1.28 -1.46 4.92
N ILE C 154 -1.48 -1.65 6.20
CA ILE C 154 -2.77 -1.30 6.84
C ILE C 154 -2.68 0.06 7.49
N THR C 155 -3.69 0.90 7.31
CA THR C 155 -3.57 2.25 7.84
C THR C 155 -4.74 2.71 8.73
N THR C 156 -5.80 1.88 8.84
CA THR C 156 -6.96 2.16 9.71
C THR C 156 -7.29 0.89 10.48
N LEU C 157 -7.37 1.01 11.81
CA LEU C 157 -7.81 -0.03 12.66
C LEU C 157 -9.15 0.31 13.34
N PHE C 158 -10.18 -0.50 13.09
CA PHE C 158 -11.45 -0.40 13.79
C PHE C 158 -11.58 -1.63 14.61
N GLY C 159 -11.95 -1.47 15.87
CA GLY C 159 -12.11 -2.58 16.76
C GLY C 159 -12.26 -2.09 18.18
N GLY C 160 -11.78 -2.86 19.12
CA GLY C 160 -12.01 -2.55 20.50
C GLY C 160 -11.08 -3.31 21.37
N GLY C 161 -10.98 -2.87 22.60
CA GLY C 161 -10.04 -3.49 23.50
C GLY C 161 -9.42 -2.55 24.43
N THR C 162 -9.04 -3.02 25.60
CA THR C 162 -8.32 -2.20 26.58
C THR C 162 -6.92 -2.73 26.90
N GLY C 163 -6.39 -3.60 26.05
CA GLY C 163 -5.12 -4.30 26.36
C GLY C 163 -5.48 -5.71 26.70
N PRO C 164 -4.56 -6.46 27.32
CA PRO C 164 -4.82 -7.88 27.34
C PRO C 164 -5.68 -8.30 28.51
N ALA C 165 -6.85 -7.72 28.59
CA ALA C 165 -7.89 -8.18 29.50
C ALA C 165 -8.70 -9.22 28.80
N GLU C 166 -9.29 -10.16 29.53
CA GLU C 166 -10.00 -11.25 28.92
C GLU C 166 -11.13 -10.78 28.01
N GLY C 167 -11.84 -9.74 28.41
CA GLY C 167 -12.86 -9.19 27.55
C GLY C 167 -12.38 -8.82 26.21
N SER C 168 -11.20 -8.20 26.22
CA SER C 168 -10.57 -7.69 25.01
C SER C 168 -9.91 -8.78 24.23
N LYS C 169 -9.33 -9.72 24.94
CA LYS C 169 -8.74 -10.87 24.30
C LYS C 169 -9.77 -11.67 23.54
N ALA C 170 -11.00 -11.72 24.01
CA ALA C 170 -12.04 -12.43 23.28
C ALA C 170 -12.82 -11.55 22.33
N THR C 171 -13.00 -10.26 22.62
CA THR C 171 -13.97 -9.46 21.84
C THR C 171 -13.45 -8.09 21.47
N THR C 172 -13.89 -7.58 20.34
CA THR C 172 -13.54 -6.21 19.85
C THR C 172 -14.42 -5.18 20.49
N VAL C 173 -14.27 -5.04 21.80
CA VAL C 173 -15.12 -4.23 22.62
C VAL C 173 -14.32 -3.38 23.58
N THR C 174 -14.60 -2.09 23.57
CA THR C 174 -14.12 -1.22 24.59
C THR C 174 -15.39 -0.78 25.31
N PRO C 175 -15.67 -1.38 26.47
CA PRO C 175 -16.97 -1.21 27.15
C PRO C 175 -17.14 0.04 28.01
N GLY C 176 -18.23 0.71 27.77
CA GLY C 176 -18.61 1.85 28.57
C GLY C 176 -17.88 3.15 28.36
N PRO C 177 -18.46 4.24 28.90
CA PRO C 177 -17.93 5.57 28.67
C PRO C 177 -16.52 5.74 29.15
N TRP C 178 -16.21 5.20 30.33
CA TRP C 178 -14.88 5.44 30.91
C TRP C 178 -13.80 4.71 30.09
N ASN C 179 -13.99 3.41 29.81
CA ASN C 179 -12.99 2.69 29.05
C ASN C 179 -12.83 3.29 27.67
N ILE C 180 -13.93 3.73 27.07
CA ILE C 180 -13.86 4.34 25.75
C ILE C 180 -13.04 5.63 25.80
N GLU C 181 -13.25 6.45 26.83
CA GLU C 181 -12.45 7.69 26.99
C GLU C 181 -10.97 7.42 27.17
N LYS C 182 -10.67 6.42 28.01
CA LYS C 182 -9.33 6.01 28.20
C LYS C 182 -8.68 5.59 26.89
N MET C 183 -9.34 4.77 26.08
CA MET C 183 -8.73 4.31 24.82
C MET C 183 -8.67 5.44 23.78
N LEU C 184 -9.59 6.40 23.82
CA LEU C 184 -9.47 7.55 22.91
C LEU C 184 -8.21 8.34 23.23
N LYS C 185 -7.89 8.47 24.51
CA LYS C 185 -6.69 9.13 24.92
C LYS C 185 -5.44 8.34 24.58
N SER C 186 -5.49 7.04 24.75
CA SER C 186 -4.40 6.16 24.36
C SER C 186 -4.10 6.33 22.90
N THR C 187 -5.19 6.42 22.12
CA THR C 187 -5.11 6.51 20.69
C THR C 187 -4.31 7.73 20.20
N GLU C 188 -4.18 8.79 21.03
CA GLU C 188 -3.37 9.96 20.68
C GLU C 188 -1.92 9.57 20.41
N GLY C 189 -1.50 8.39 20.88
CA GLY C 189 -0.13 7.96 20.69
C GLY C 189 0.05 6.80 19.73
N LEU C 190 -1.00 6.37 19.06
CA LEU C 190 -0.92 5.26 18.09
C LEU C 190 -0.80 5.79 16.69
N PRO C 191 0.26 5.44 15.97
CA PRO C 191 0.39 6.04 14.64
C PRO C 191 -0.35 5.32 13.58
N ILE C 192 -1.66 5.34 13.67
CA ILE C 192 -2.48 4.71 12.66
C ILE C 192 -3.89 5.29 12.87
N ASN C 193 -4.79 5.23 11.87
CA ASN C 193 -6.16 5.69 12.13
C ASN C 193 -6.86 4.71 13.03
N VAL C 194 -7.81 5.16 13.82
CA VAL C 194 -8.53 4.32 14.75
C VAL C 194 -10.00 4.68 14.91
N GLY C 195 -10.83 3.67 15.06
CA GLY C 195 -12.21 3.80 15.49
C GLY C 195 -12.51 2.71 16.53
N ILE C 196 -13.32 3.05 17.53
CA ILE C 196 -13.51 2.21 18.71
C ILE C 196 -14.95 1.72 18.80
N LEU C 197 -15.14 0.44 18.93
CA LEU C 197 -16.43 -0.17 19.05
C LEU C 197 -16.79 -0.36 20.53
N GLY C 198 -17.98 0.03 20.88
CA GLY C 198 -18.48 -0.31 22.20
C GLY C 198 -19.14 -1.67 22.25
N LYS C 199 -19.57 -2.01 23.46
CA LYS C 199 -20.26 -3.25 23.73
C LYS C 199 -21.70 -3.22 23.25
N GLY C 200 -22.03 -4.07 22.29
CA GLY C 200 -23.37 -4.15 21.70
C GLY C 200 -24.30 -5.08 22.50
N HIS C 201 -24.40 -4.84 23.79
CA HIS C 201 -25.10 -5.73 24.68
C HIS C 201 -25.81 -4.98 25.75
N GLY C 202 -27.04 -5.37 25.96
CA GLY C 202 -27.93 -4.66 26.88
C GLY C 202 -29.37 -4.96 26.54
N SER C 203 -30.23 -4.79 27.52
CA SER C 203 -31.65 -4.87 27.28
C SER C 203 -32.40 -3.54 27.37
N SER C 204 -31.72 -2.48 27.84
CA SER C 204 -32.21 -1.10 27.79
C SER C 204 -31.28 -0.33 26.85
N ILE C 205 -31.79 0.73 26.22
CA ILE C 205 -31.09 1.51 25.21
C ILE C 205 -29.98 2.32 25.84
N ALA C 206 -30.26 2.92 26.98
CA ALA C 206 -29.35 3.88 27.55
C ALA C 206 -27.96 3.36 27.84
N PRO C 207 -27.78 2.20 28.49
CA PRO C 207 -26.42 1.66 28.71
C PRO C 207 -25.56 1.51 27.44
N ILE C 208 -26.22 1.21 26.33
CA ILE C 208 -25.56 1.06 25.06
C ILE C 208 -25.30 2.39 24.38
N MET C 209 -26.32 3.22 24.32
CA MET C 209 -26.27 4.51 23.68
C MET C 209 -25.21 5.40 24.30
N GLU C 210 -25.02 5.32 25.60
CA GLU C 210 -24.05 6.25 26.25
C GLU C 210 -22.59 6.00 25.84
N GLN C 211 -22.34 4.85 25.20
CA GLN C 211 -21.04 4.55 24.67
C GLN C 211 -20.85 5.28 23.39
N ILE C 212 -21.92 5.40 22.59
CA ILE C 212 -21.84 6.13 21.36
C ILE C 212 -21.62 7.61 21.69
N ASP C 213 -22.34 8.15 22.64
CA ASP C 213 -22.14 9.53 23.04
C ASP C 213 -20.77 9.78 23.65
N ALA C 214 -20.17 8.73 24.21
CA ALA C 214 -18.86 8.88 24.82
C ALA C 214 -17.75 8.93 23.82
N GLY C 215 -18.05 8.56 22.57
CA GLY C 215 -17.03 8.45 21.57
C GLY C 215 -16.93 7.19 20.73
N ALA C 216 -17.64 6.12 21.05
CA ALA C 216 -17.55 4.97 20.15
C ALA C 216 -17.94 5.33 18.72
N ALA C 217 -17.36 4.59 17.77
CA ALA C 217 -17.62 4.68 16.36
C ALA C 217 -18.50 3.59 15.84
N GLY C 218 -18.93 2.72 16.74
CA GLY C 218 -19.78 1.60 16.38
C GLY C 218 -19.92 0.69 17.56
N LEU C 219 -20.53 -0.47 17.32
CA LEU C 219 -20.76 -1.48 18.33
C LEU C 219 -20.41 -2.89 17.81
N KCX C 220 -20.00 -3.74 18.74
CA KCX C 220 -19.81 -5.18 18.48
CB KCX C 220 -18.42 -5.52 18.94
CG KCX C 220 -18.10 -7.02 18.91
CD KCX C 220 -18.05 -7.48 17.44
CE KCX C 220 -17.59 -8.90 17.37
NZ KCX C 220 -16.22 -9.10 17.82
C KCX C 220 -20.75 -5.98 19.32
O KCX C 220 -20.78 -5.82 20.56
CX KCX C 220 -15.49 -10.22 17.59
OQ1 KCX C 220 -14.27 -10.29 18.09
OQ2 KCX C 220 -15.87 -11.20 16.95
N ILE C 221 -21.51 -6.85 18.69
CA ILE C 221 -22.26 -7.91 19.41
C ILE C 221 -21.38 -9.17 19.38
N HIS C 222 -21.05 -9.76 20.54
CA HIS C 222 -20.27 -10.95 20.61
C HIS C 222 -20.95 -11.96 21.52
N GLU C 223 -21.01 -13.18 21.04
CA GLU C 223 -21.57 -14.24 21.83
C GLU C 223 -21.03 -14.34 23.26
N ASP C 224 -19.77 -13.99 23.48
CA ASP C 224 -19.21 -14.09 24.82
C ASP C 224 -19.84 -13.11 25.80
N TRP C 225 -20.53 -12.07 25.29
CA TRP C 225 -21.29 -11.15 26.16
C TRP C 225 -22.82 -11.44 26.08
N GLY C 226 -23.21 -12.44 25.30
CA GLY C 226 -24.63 -12.75 25.16
C GLY C 226 -25.17 -12.23 23.84
N ALA C 227 -24.97 -12.96 22.76
CA ALA C 227 -25.45 -12.49 21.45
C ALA C 227 -26.93 -12.88 21.32
N THR C 228 -27.71 -12.45 22.30
CA THR C 228 -29.11 -12.82 22.44
C THR C 228 -29.97 -11.95 21.51
N PRO C 229 -31.20 -12.39 21.22
CA PRO C 229 -32.12 -11.55 20.47
C PRO C 229 -32.29 -10.14 21.01
N ALA C 230 -32.28 -9.99 22.30
CA ALA C 230 -32.44 -8.68 22.87
C ALA C 230 -31.21 -7.78 22.58
N SER C 231 -30.02 -8.33 22.75
CA SER C 231 -28.82 -7.51 22.54
C SER C 231 -28.70 -7.11 21.08
N ILE C 232 -29.08 -8.00 20.18
CA ILE C 232 -29.02 -7.69 18.77
C ILE C 232 -29.96 -6.55 18.45
N ASP C 233 -31.19 -6.68 18.92
CA ASP C 233 -32.23 -5.68 18.70
C ASP C 233 -31.87 -4.33 19.31
N ARG C 234 -31.44 -4.31 20.56
CA ARG C 234 -31.19 -3.00 21.11
C ARG C 234 -30.01 -2.33 20.39
N SER C 235 -28.98 -3.10 20.09
CA SER C 235 -27.85 -2.59 19.33
C SER C 235 -28.22 -1.99 17.99
N LEU C 236 -29.07 -2.69 17.24
CA LEU C 236 -29.43 -2.17 15.95
C LEU C 236 -30.33 -0.97 16.08
N THR C 237 -31.15 -0.94 17.11
CA THR C 237 -31.93 0.27 17.37
C THR C 237 -30.98 1.46 17.67
N VAL C 238 -29.97 1.25 18.52
CA VAL C 238 -29.05 2.33 18.81
C VAL C 238 -28.36 2.77 17.51
N ALA C 239 -27.97 1.81 16.69
CA ALA C 239 -27.20 2.12 15.53
C ALA C 239 -27.99 2.89 14.48
N ASP C 240 -29.23 2.51 14.26
CA ASP C 240 -30.11 3.25 13.34
C ASP C 240 -30.30 4.69 13.82
N GLU C 241 -30.36 4.93 15.11
CA GLU C 241 -30.43 6.28 15.58
C GLU C 241 -29.12 7.03 15.49
N ALA C 242 -28.00 6.41 15.87
CA ALA C 242 -26.69 7.11 15.95
C ALA C 242 -25.93 7.18 14.63
N ASP C 243 -26.38 6.44 13.63
CA ASP C 243 -25.69 6.32 12.31
C ASP C 243 -24.28 5.72 12.40
N VAL C 244 -24.15 4.59 13.12
CA VAL C 244 -22.87 3.87 13.19
C VAL C 244 -23.12 2.44 12.84
N GLN C 245 -22.08 1.69 12.51
CA GLN C 245 -22.25 0.29 12.18
C GLN C 245 -22.22 -0.64 13.39
N VAL C 246 -22.89 -1.76 13.24
CA VAL C 246 -22.82 -2.85 14.23
C VAL C 246 -22.15 -4.05 13.61
N ALA C 247 -21.17 -4.66 14.30
CA ALA C 247 -20.59 -5.90 13.85
C ALA C 247 -21.12 -7.01 14.74
N ILE C 248 -21.32 -8.20 14.19
CA ILE C 248 -21.79 -9.34 14.98
C ILE C 248 -20.92 -10.61 14.88
N HIS C 249 -20.65 -11.23 16.03
CA HIS C 249 -20.16 -12.56 16.14
C HIS C 249 -21.30 -13.21 16.86
N SER C 250 -22.03 -14.04 16.13
CA SER C 250 -23.29 -14.60 16.62
C SER C 250 -23.13 -15.83 17.55
N ASP C 251 -24.28 -16.33 17.98
CA ASP C 251 -24.41 -17.35 19.04
C ASP C 251 -24.05 -18.72 18.43
N THR C 252 -22.78 -19.08 18.53
CA THR C 252 -22.30 -20.34 17.96
C THR C 252 -23.03 -21.53 18.52
N LEU C 253 -23.36 -21.44 19.79
CA LEU C 253 -24.02 -22.50 20.51
C LEU C 253 -25.49 -22.66 20.19
N ASN C 254 -26.06 -21.74 19.40
CA ASN C 254 -27.48 -21.78 19.10
C ASN C 254 -28.33 -21.78 20.40
N GLU C 255 -27.84 -21.12 21.44
CA GLU C 255 -28.45 -21.27 22.76
C GLU C 255 -29.84 -20.65 22.83
N ALA C 256 -29.98 -19.47 22.24
CA ALA C 256 -31.26 -18.76 22.28
C ALA C 256 -31.89 -18.75 20.93
N GLY C 257 -31.28 -19.37 19.93
CA GLY C 257 -31.84 -19.33 18.61
C GLY C 257 -30.87 -19.91 17.63
N PHE C 258 -31.38 -20.23 16.47
CA PHE C 258 -30.56 -20.62 15.34
C PHE C 258 -30.34 -19.42 14.48
N LEU C 259 -29.56 -19.58 13.43
CA LEU C 259 -29.34 -18.50 12.49
C LEU C 259 -30.61 -17.67 12.11
N GLU C 260 -31.70 -18.35 11.77
CA GLU C 260 -32.95 -17.67 11.36
C GLU C 260 -33.51 -16.82 12.50
N ASP C 261 -33.34 -17.25 13.76
CA ASP C 261 -33.68 -16.41 14.88
C ASP C 261 -32.86 -15.11 14.91
N THR C 262 -31.53 -15.23 14.71
CA THR C 262 -30.67 -14.04 14.66
C THR C 262 -31.12 -13.12 13.52
N LEU C 263 -31.41 -13.68 12.37
CA LEU C 263 -31.88 -12.86 11.25
C LEU C 263 -33.23 -12.13 11.52
N ARG C 264 -34.10 -12.76 12.31
CA ARG C 264 -35.39 -12.22 12.65
C ARG C 264 -35.14 -11.04 13.61
N ALA C 265 -34.29 -11.25 14.62
CA ALA C 265 -33.93 -10.17 15.51
C ALA C 265 -33.33 -8.98 14.75
N ILE C 266 -32.52 -9.26 13.72
CA ILE C 266 -31.94 -8.21 12.92
C ILE C 266 -33.00 -7.47 12.10
N ASN C 267 -33.95 -8.26 11.61
CA ASN C 267 -35.15 -7.73 11.00
C ASN C 267 -34.88 -6.78 9.86
N GLY C 268 -33.95 -7.12 8.98
CA GLY C 268 -33.71 -6.36 7.75
C GLY C 268 -32.78 -5.16 7.90
N ARG C 269 -32.36 -4.87 9.14
CA ARG C 269 -31.46 -3.77 9.36
C ARG C 269 -30.06 -4.14 8.95
N VAL C 270 -29.27 -3.11 8.70
N VAL C 270 -29.24 -3.14 8.68
CA VAL C 270 -27.90 -3.27 8.21
CA VAL C 270 -27.95 -3.44 8.12
C VAL C 270 -26.99 -3.82 9.31
C VAL C 270 -26.91 -3.74 9.22
N ILE C 271 -26.10 -4.75 8.96
CA ILE C 271 -25.17 -5.28 9.96
C ILE C 271 -23.94 -5.84 9.30
N HIS C 272 -22.81 -5.71 9.96
CA HIS C 272 -21.57 -6.29 9.44
C HIS C 272 -21.38 -7.69 10.13
N SER C 273 -21.50 -8.75 9.36
CA SER C 273 -21.27 -10.08 9.89
C SER C 273 -19.78 -10.41 9.86
N PHE C 274 -19.18 -10.58 11.04
CA PHE C 274 -17.73 -10.83 11.18
C PHE C 274 -17.46 -12.34 10.87
N HIS C 275 -16.21 -12.68 10.45
CA HIS C 275 -15.77 -14.09 10.13
C HIS C 275 -16.96 -14.97 9.77
N VAL C 276 -17.51 -14.70 8.61
CA VAL C 276 -18.82 -15.16 8.25
C VAL C 276 -18.78 -16.68 7.99
N GLU C 277 -17.62 -17.19 7.59
CA GLU C 277 -17.46 -18.64 7.39
C GLU C 277 -17.72 -19.40 8.71
N GLY C 278 -17.35 -18.80 9.84
CA GLY C 278 -17.72 -19.38 11.16
C GLY C 278 -16.64 -20.04 12.00
N ALA C 279 -15.46 -20.30 11.42
CA ALA C 279 -14.35 -20.88 12.20
C ALA C 279 -14.07 -19.95 13.34
N GLY C 280 -14.18 -18.66 13.04
CA GLY C 280 -13.91 -17.61 13.99
C GLY C 280 -15.11 -17.34 14.92
N GLY C 281 -16.19 -18.07 14.69
CA GLY C 281 -17.34 -18.01 15.55
C GLY C 281 -18.64 -17.73 14.78
N GLY C 282 -19.71 -18.29 15.33
CA GLY C 282 -21.08 -18.03 14.80
C GLY C 282 -21.90 -19.31 14.73
N HIS C 283 -23.23 -19.13 14.67
CA HIS C 283 -24.17 -20.22 14.61
C HIS C 283 -23.57 -21.43 13.87
N ALA C 284 -23.40 -22.52 14.62
CA ALA C 284 -22.91 -23.78 14.05
C ALA C 284 -24.07 -24.57 13.42
N PRO C 285 -23.95 -24.98 12.14
CA PRO C 285 -22.74 -24.90 11.31
C PRO C 285 -22.91 -23.93 10.13
N ASP C 286 -24.07 -23.23 10.14
CA ASP C 286 -24.61 -22.54 8.96
C ASP C 286 -24.50 -21.00 8.94
N ILE C 287 -23.78 -20.43 9.89
N ILE C 287 -23.78 -20.43 9.89
CA ILE C 287 -23.53 -18.98 9.93
CA ILE C 287 -23.58 -18.97 9.91
C ILE C 287 -23.20 -18.40 8.54
C ILE C 287 -23.12 -18.36 8.57
N MET C 288 -22.42 -19.14 7.73
CA MET C 288 -21.95 -18.61 6.46
C MET C 288 -23.08 -18.24 5.51
N ALA C 289 -24.25 -18.83 5.77
CA ALA C 289 -25.48 -18.42 5.04
C ALA C 289 -25.87 -16.92 5.18
N MET C 290 -25.40 -16.24 6.22
CA MET C 290 -25.54 -14.77 6.32
CA MET C 290 -25.60 -14.77 6.31
C MET C 290 -25.12 -14.06 5.05
N ALA C 291 -24.09 -14.59 4.40
CA ALA C 291 -23.45 -13.87 3.26
C ALA C 291 -24.27 -13.75 2.00
N GLY C 292 -25.44 -14.39 1.97
CA GLY C 292 -26.33 -14.26 0.81
C GLY C 292 -27.37 -13.18 0.98
N HIS C 293 -27.50 -12.60 2.17
CA HIS C 293 -28.55 -11.59 2.39
C HIS C 293 -28.20 -10.16 1.97
N PRO C 294 -29.21 -9.43 1.51
CA PRO C 294 -29.00 -8.06 1.03
C PRO C 294 -28.66 -7.07 2.12
N ASN C 295 -29.09 -7.30 3.36
CA ASN C 295 -28.75 -6.40 4.47
C ASN C 295 -27.48 -6.78 5.24
N VAL C 296 -26.77 -7.82 4.82
CA VAL C 296 -25.56 -8.22 5.50
C VAL C 296 -24.32 -7.76 4.74
N LEU C 297 -23.39 -7.15 5.47
CA LEU C 297 -22.07 -6.82 4.93
C LEU C 297 -21.10 -7.86 5.50
N PRO C 298 -20.72 -8.86 4.68
CA PRO C 298 -19.98 -10.03 5.15
C PRO C 298 -18.50 -9.91 5.04
N SER C 299 -17.81 -10.21 6.15
CA SER C 299 -16.36 -10.30 6.11
C SER C 299 -15.83 -11.64 6.63
N SER C 300 -14.70 -12.00 6.08
CA SER C 300 -13.85 -13.08 6.61
C SER C 300 -12.76 -12.49 7.50
N THR C 301 -12.34 -13.29 8.47
CA THR C 301 -11.05 -13.09 9.12
C THR C 301 -9.96 -13.92 8.45
N ASN C 302 -8.71 -13.67 8.79
CA ASN C 302 -7.65 -14.15 7.92
C ASN C 302 -7.07 -15.55 8.11
N PRO C 303 -7.23 -16.16 9.30
CA PRO C 303 -6.52 -17.45 9.44
C PRO C 303 -7.09 -18.59 8.56
N THR C 304 -8.35 -18.50 8.13
CA THR C 304 -8.88 -19.46 7.20
C THR C 304 -8.52 -19.15 5.76
N ARG C 305 -7.80 -18.07 5.53
CA ARG C 305 -7.53 -17.60 4.18
C ARG C 305 -6.05 -17.80 3.72
N PRO C 306 -5.85 -18.54 2.64
CA PRO C 306 -6.85 -19.43 2.02
C PRO C 306 -6.85 -20.82 2.65
N PHE C 307 -7.62 -21.75 2.11
CA PHE C 307 -7.66 -23.14 2.63
C PHE C 307 -6.35 -23.91 2.32
N THR C 308 -5.63 -24.36 3.35
CA THR C 308 -4.36 -25.05 3.12
C THR C 308 -4.35 -26.33 3.89
N VAL C 309 -3.38 -27.16 3.58
CA VAL C 309 -3.26 -28.47 4.22
C VAL C 309 -3.04 -28.36 5.72
N ASN C 310 -2.45 -27.29 6.21
CA ASN C 310 -2.28 -27.13 7.65
C ASN C 310 -3.46 -26.41 8.36
N THR C 311 -4.36 -25.81 7.58
CA THR C 311 -5.42 -24.96 8.15
C THR C 311 -6.20 -25.65 9.29
N ILE C 312 -6.67 -26.88 9.07
CA ILE C 312 -7.58 -27.49 10.03
C ILE C 312 -6.85 -27.86 11.29
N ASP C 313 -5.75 -28.58 11.16
CA ASP C 313 -4.92 -28.96 12.32
C ASP C 313 -4.60 -27.77 13.20
N GLU C 314 -4.26 -26.65 12.57
CA GLU C 314 -3.88 -25.47 13.31
C GLU C 314 -5.09 -24.93 14.07
N HIS C 315 -6.22 -24.84 13.40
CA HIS C 315 -7.46 -24.31 14.00
C HIS C 315 -8.05 -25.20 15.09
N LEU C 316 -8.09 -26.50 14.83
CA LEU C 316 -8.70 -27.43 15.79
C LEU C 316 -7.99 -27.22 17.10
N ASP C 317 -6.68 -27.17 17.00
CA ASP C 317 -5.86 -27.09 18.16
C ASP C 317 -5.88 -25.70 18.83
N MET C 318 -5.84 -24.65 18.02
CA MET C 318 -5.99 -23.26 18.48
C MET C 318 -7.25 -23.15 19.32
N LEU C 319 -8.35 -23.71 18.81
CA LEU C 319 -9.63 -23.63 19.46
C LEU C 319 -9.64 -24.37 20.77
N MET C 320 -9.15 -25.61 20.73
CA MET C 320 -9.20 -26.51 21.86
C MET C 320 -8.47 -25.83 22.97
N VAL C 321 -7.28 -25.30 22.68
CA VAL C 321 -6.43 -24.71 23.73
C VAL C 321 -6.94 -23.36 24.32
N CYS C 322 -7.39 -22.46 23.46
CA CYS C 322 -7.97 -21.19 23.90
C CYS C 322 -9.27 -21.31 24.72
N HIS C 323 -10.08 -22.32 24.44
CA HIS C 323 -11.33 -22.52 25.17
C HIS C 323 -11.15 -23.60 26.24
N HIS C 324 -9.92 -23.89 26.66
CA HIS C 324 -9.66 -24.96 27.68
C HIS C 324 -10.45 -26.25 27.42
N LEU C 325 -10.54 -26.64 26.16
CA LEU C 325 -11.36 -27.76 25.73
C LEU C 325 -10.60 -29.07 25.86
N LYS C 326 -11.12 -29.95 26.69
CA LYS C 326 -10.44 -31.18 26.98
C LYS C 326 -10.76 -32.23 25.88
N GLN C 327 -9.69 -32.95 25.50
CA GLN C 327 -9.68 -33.94 24.41
C GLN C 327 -10.53 -35.19 24.74
N ASN C 328 -10.75 -35.44 26.04
CA ASN C 328 -11.51 -36.60 26.53
C ASN C 328 -12.95 -36.27 26.99
N ILE C 329 -13.37 -35.02 26.83
CA ILE C 329 -14.74 -34.59 27.07
C ILE C 329 -15.44 -34.57 25.69
N PRO C 330 -16.44 -35.44 25.49
CA PRO C 330 -16.99 -35.59 24.14
C PRO C 330 -17.83 -34.40 23.68
N GLU C 331 -18.37 -33.63 24.62
CA GLU C 331 -19.08 -32.37 24.29
C GLU C 331 -18.11 -31.38 23.66
N ASP C 332 -16.89 -31.32 24.20
CA ASP C 332 -15.84 -30.43 23.65
C ASP C 332 -15.38 -30.85 22.26
N VAL C 333 -15.16 -32.14 22.10
CA VAL C 333 -14.85 -32.68 20.80
C VAL C 333 -15.98 -32.36 19.82
N ALA C 334 -17.23 -32.52 20.24
CA ALA C 334 -18.35 -32.33 19.30
C ALA C 334 -18.47 -30.84 19.00
N PHE C 335 -18.20 -30.03 20.00
CA PHE C 335 -18.26 -28.63 19.82
C PHE C 335 -17.23 -28.27 18.77
N ALA C 336 -16.02 -28.77 18.94
CA ALA C 336 -14.91 -28.38 18.07
C ALA C 336 -15.16 -28.83 16.64
N ASP C 337 -15.76 -30.03 16.49
CA ASP C 337 -16.13 -30.59 15.18
C ASP C 337 -17.26 -29.82 14.46
N SER C 338 -18.19 -29.27 15.26
CA SER C 338 -19.28 -28.51 14.69
C SER C 338 -18.81 -27.14 14.24
N ARG C 339 -17.69 -26.67 14.78
CA ARG C 339 -17.16 -25.32 14.47
C ARG C 339 -16.06 -25.23 13.40
N ILE C 340 -15.13 -26.20 13.37
CA ILE C 340 -14.00 -26.14 12.42
C ILE C 340 -14.33 -27.11 11.31
N ARG C 341 -14.63 -26.60 10.13
CA ARG C 341 -15.28 -27.42 9.06
C ARG C 341 -14.58 -27.20 7.75
N PRO C 342 -13.95 -28.25 7.23
CA PRO C 342 -13.30 -28.12 5.88
C PRO C 342 -14.31 -27.72 4.81
N GLU C 343 -15.56 -28.16 4.94
CA GLU C 343 -16.55 -27.90 3.93
C GLU C 343 -16.79 -26.38 3.80
N THR C 344 -16.86 -25.65 4.91
CA THR C 344 -17.22 -24.24 4.82
C THR C 344 -15.98 -23.40 4.54
N ILE C 345 -14.85 -23.80 5.11
CA ILE C 345 -13.59 -23.15 4.79
C ILE C 345 -13.23 -23.28 3.31
N ALA C 346 -13.32 -24.47 2.75
CA ALA C 346 -13.13 -24.62 1.27
C ALA C 346 -14.08 -23.70 0.51
N ALA C 347 -15.34 -23.66 0.96
CA ALA C 347 -16.39 -22.90 0.28
C ALA C 347 -16.14 -21.39 0.38
N GLU C 348 -15.50 -20.97 1.47
CA GLU C 348 -15.24 -19.56 1.71
C GLU C 348 -14.29 -19.01 0.63
N ASP C 349 -13.31 -19.83 0.23
CA ASP C 349 -12.41 -19.46 -0.85
C ASP C 349 -13.24 -19.12 -2.08
N ILE C 350 -14.14 -20.03 -2.45
CA ILE C 350 -14.96 -19.78 -3.61
C ILE C 350 -15.89 -18.57 -3.47
N LEU C 351 -16.44 -18.36 -2.28
CA LEU C 351 -17.35 -17.22 -2.05
C LEU C 351 -16.64 -15.90 -2.26
N HIS C 352 -15.39 -15.85 -1.84
CA HIS C 352 -14.59 -14.67 -2.06
C HIS C 352 -14.42 -14.42 -3.55
N ASP C 353 -14.12 -15.48 -4.28
CA ASP C 353 -13.88 -15.36 -5.75
C ASP C 353 -15.08 -14.93 -6.54
N LEU C 354 -16.25 -15.31 -6.05
CA LEU C 354 -17.50 -15.01 -6.68
C LEU C 354 -18.08 -13.68 -6.24
N GLY C 355 -17.44 -12.98 -5.29
CA GLY C 355 -17.86 -11.67 -4.87
C GLY C 355 -19.02 -11.74 -3.89
N ILE C 356 -19.16 -12.89 -3.25
CA ILE C 356 -20.22 -13.12 -2.29
C ILE C 356 -19.76 -12.74 -0.86
N ILE C 357 -18.49 -12.94 -0.53
CA ILE C 357 -17.98 -12.37 0.72
C ILE C 357 -17.24 -11.12 0.27
N SER C 358 -17.56 -9.97 0.86
CA SER C 358 -17.14 -8.68 0.39
C SER C 358 -15.88 -8.10 1.01
N MET C 359 -15.48 -8.64 2.14
CA MET C 359 -14.47 -7.99 2.96
C MET C 359 -13.52 -8.97 3.55
N MET C 360 -12.29 -8.54 3.76
N MET C 360 -12.29 -8.52 3.75
CA MET C 360 -11.35 -9.27 4.60
CA MET C 360 -11.29 -9.24 4.53
C MET C 360 -11.09 -8.43 5.84
C MET C 360 -11.02 -8.41 5.79
N SER C 361 -10.41 -9.01 6.80
CA SER C 361 -10.13 -8.37 8.08
C SER C 361 -9.18 -9.29 8.82
N THR C 362 -8.59 -8.84 9.92
CA THR C 362 -7.60 -9.68 10.61
C THR C 362 -8.12 -10.56 11.72
N ASP C 363 -8.84 -9.97 12.66
CA ASP C 363 -9.18 -10.59 13.94
C ASP C 363 -7.93 -10.60 14.78
N ALA C 364 -7.16 -9.52 14.63
CA ALA C 364 -5.81 -9.44 15.22
C ALA C 364 -5.72 -9.82 16.69
N LEU C 365 -4.87 -10.81 16.99
CA LEU C 365 -4.52 -11.30 18.32
C LEU C 365 -5.65 -12.03 19.03
N ALA C 366 -6.76 -12.31 18.34
N ALA C 366 -6.77 -12.23 18.33
CA ALA C 366 -7.87 -13.09 18.97
CA ALA C 366 -7.91 -12.96 18.91
C ALA C 366 -8.59 -14.03 17.99
C ALA C 366 -8.02 -14.33 18.26
N MET C 367 -7.90 -14.37 16.94
CA MET C 367 -7.96 -15.60 16.18
C MET C 367 -7.65 -15.07 14.75
N GLY C 368 -6.52 -14.39 14.63
CA GLY C 368 -6.16 -13.72 13.41
C GLY C 368 -4.93 -12.89 13.56
N ARG C 369 -4.34 -12.55 12.41
CA ARG C 369 -2.99 -12.04 12.32
C ARG C 369 -2.97 -10.61 11.86
N ALA C 370 -2.52 -9.73 12.72
CA ALA C 370 -2.53 -8.26 12.43
C ALA C 370 -1.88 -7.82 11.18
N GLY C 371 -0.84 -8.54 10.77
CA GLY C 371 -0.07 -8.11 9.60
C GLY C 371 -0.31 -8.98 8.34
N GLU C 372 -1.47 -9.67 8.21
CA GLU C 372 -1.65 -10.60 7.11
C GLU C 372 -2.99 -10.50 6.37
N MET C 373 -3.79 -9.47 6.64
CA MET C 373 -5.01 -9.21 5.86
C MET C 373 -4.70 -9.06 4.37
N VAL C 374 -3.75 -8.20 4.07
CA VAL C 374 -3.47 -7.93 2.70
C VAL C 374 -2.80 -9.17 2.13
N LEU C 375 -1.77 -9.66 2.84
CA LEU C 375 -1.03 -10.84 2.41
C LEU C 375 -1.95 -11.98 1.96
N ARG C 376 -2.86 -12.35 2.83
CA ARG C 376 -3.73 -13.50 2.58
C ARG C 376 -4.84 -13.25 1.59
N THR C 377 -5.19 -11.97 1.35
CA THR C 377 -6.16 -11.64 0.32
C THR C 377 -5.60 -12.06 -1.03
N TRP C 378 -4.36 -11.69 -1.28
CA TRP C 378 -3.73 -12.01 -2.49
C TRP C 378 -3.35 -13.50 -2.64
N GLN C 379 -2.93 -14.15 -1.54
CA GLN C 379 -2.75 -15.58 -1.60
C GLN C 379 -4.04 -16.31 -2.03
N THR C 380 -5.21 -15.81 -1.55
CA THR C 380 -6.50 -16.39 -1.88
C THR C 380 -6.81 -16.15 -3.35
N ALA C 381 -6.57 -14.95 -3.83
CA ALA C 381 -6.79 -14.64 -5.27
C ALA C 381 -5.97 -15.54 -6.20
N ASP C 382 -4.73 -15.76 -5.82
CA ASP C 382 -3.80 -16.58 -6.57
C ASP C 382 -4.24 -18.04 -6.53
N LYS C 383 -4.66 -18.54 -5.38
CA LYS C 383 -5.11 -19.92 -5.29
C LYS C 383 -6.31 -20.15 -6.19
N MET C 384 -7.26 -19.24 -6.15
CA MET C 384 -8.43 -19.30 -7.02
C MET C 384 -8.08 -19.18 -8.49
N LYS C 385 -7.11 -18.35 -8.86
CA LYS C 385 -6.70 -18.38 -10.27
C LYS C 385 -6.18 -19.75 -10.66
N LYS C 386 -5.38 -20.33 -9.79
CA LYS C 386 -4.81 -21.62 -10.07
C LYS C 386 -5.91 -22.67 -10.18
N GLN C 387 -6.89 -22.68 -9.29
CA GLN C 387 -7.82 -23.78 -9.29
C GLN C 387 -9.01 -23.55 -10.17
N ARG C 388 -9.44 -22.31 -10.31
CA ARG C 388 -10.62 -22.04 -11.09
C ARG C 388 -10.31 -21.46 -12.45
N GLY C 389 -9.13 -20.93 -12.65
CA GLY C 389 -8.80 -20.26 -13.91
C GLY C 389 -9.09 -18.79 -13.93
N PRO C 390 -8.64 -18.09 -15.00
CA PRO C 390 -9.06 -16.68 -15.09
C PRO C 390 -10.60 -16.56 -15.00
N LEU C 391 -11.11 -15.51 -14.36
CA LEU C 391 -12.57 -15.33 -14.27
C LEU C 391 -13.10 -15.01 -15.69
N ALA C 392 -14.38 -15.27 -15.93
CA ALA C 392 -14.97 -15.10 -17.26
C ALA C 392 -14.72 -13.69 -17.79
N GLU C 393 -14.91 -12.71 -16.92
N GLU C 393 -14.91 -12.74 -16.89
CA GLU C 393 -14.86 -11.32 -17.34
CA GLU C 393 -14.85 -11.32 -17.16
C GLU C 393 -13.45 -10.75 -17.54
C GLU C 393 -13.48 -10.84 -17.69
N GLU C 394 -12.40 -11.57 -17.43
CA GLU C 394 -11.00 -11.10 -17.80
C GLU C 394 -10.75 -10.83 -19.32
N LYS C 395 -9.91 -9.83 -19.61
CA LYS C 395 -9.52 -9.44 -20.98
C LYS C 395 -7.99 -9.43 -21.07
N ASN C 396 -7.49 -9.74 -22.26
CA ASN C 396 -6.06 -9.54 -22.57
C ASN C 396 -5.12 -10.42 -21.73
N GLY C 397 -5.64 -11.50 -21.19
CA GLY C 397 -4.82 -12.34 -20.39
C GLY C 397 -4.40 -11.73 -19.07
N SER C 398 -5.03 -10.63 -18.66
CA SER C 398 -4.68 -10.01 -17.40
C SER C 398 -5.65 -10.51 -16.35
N ASP C 399 -5.25 -10.30 -15.11
CA ASP C 399 -6.13 -10.56 -13.98
C ASP C 399 -6.76 -9.30 -13.36
N ASN C 400 -6.96 -8.26 -14.13
CA ASN C 400 -7.39 -6.98 -13.57
C ASN C 400 -8.72 -7.11 -12.87
N PHE C 401 -9.59 -7.96 -13.40
CA PHE C 401 -10.92 -8.07 -12.82
C PHE C 401 -10.83 -8.66 -11.42
N ARG C 402 -10.14 -9.75 -11.30
CA ARG C 402 -9.92 -10.33 -10.02
C ARG C 402 -9.14 -9.38 -9.10
N ALA C 403 -8.18 -8.64 -9.65
CA ALA C 403 -7.39 -7.74 -8.82
C ALA C 403 -8.26 -6.66 -8.22
N LYS C 404 -9.20 -6.16 -9.01
CA LYS C 404 -10.10 -5.16 -8.48
C LYS C 404 -11.10 -5.72 -7.43
N ARG C 405 -11.66 -6.89 -7.72
CA ARG C 405 -12.51 -7.55 -6.78
C ARG C 405 -11.77 -7.76 -5.44
N TYR C 406 -10.52 -8.17 -5.50
CA TYR C 406 -9.85 -8.51 -4.23
C TYR C 406 -9.32 -7.28 -3.44
N VAL C 407 -8.77 -6.29 -4.14
CA VAL C 407 -8.27 -5.15 -3.48
C VAL C 407 -9.41 -4.44 -2.80
N SER C 408 -10.60 -4.51 -3.37
CA SER C 408 -11.77 -3.90 -2.73
C SER C 408 -12.08 -4.49 -1.34
N LYS C 409 -11.68 -5.74 -1.10
CA LYS C 409 -12.10 -6.38 0.13
C LYS C 409 -11.38 -5.82 1.32
N TYR C 410 -10.25 -5.19 1.13
CA TYR C 410 -9.56 -4.64 2.33
C TYR C 410 -9.32 -3.14 2.25
N THR C 411 -9.81 -2.51 1.19
CA THR C 411 -9.70 -1.05 1.07
C THR C 411 -11.11 -0.43 1.14
N ILE C 412 -11.79 -0.36 0.01
CA ILE C 412 -13.01 0.44 -0.02
C ILE C 412 -14.19 -0.23 0.72
N ASN C 413 -14.33 -1.53 0.60
CA ASN C 413 -15.50 -2.13 1.21
C ASN C 413 -15.61 -2.01 2.72
N PRO C 414 -14.51 -2.27 3.46
CA PRO C 414 -14.58 -2.03 4.90
C PRO C 414 -14.87 -0.60 5.23
N ALA C 415 -14.35 0.32 4.44
CA ALA C 415 -14.63 1.71 4.65
C ALA C 415 -16.11 2.02 4.51
N ILE C 416 -16.73 1.48 3.46
CA ILE C 416 -18.13 1.69 3.20
C ILE C 416 -18.90 1.11 4.36
N ALA C 417 -18.51 -0.07 4.78
CA ALA C 417 -19.26 -0.72 5.83
C ALA C 417 -19.28 0.07 7.11
N GLN C 418 -18.16 0.70 7.41
N GLN C 418 -18.16 0.67 7.47
CA GLN C 418 -17.96 1.32 8.70
CA GLN C 418 -18.06 1.30 8.78
C GLN C 418 -18.49 2.76 8.72
C GLN C 418 -18.44 2.80 8.73
N GLY C 419 -18.84 3.30 7.55
CA GLY C 419 -19.28 4.68 7.40
C GLY C 419 -18.16 5.71 7.35
N ILE C 420 -17.02 5.32 6.78
CA ILE C 420 -15.88 6.19 6.74
C ILE C 420 -15.27 6.37 5.35
N ALA C 421 -15.96 5.88 4.32
CA ALA C 421 -15.42 5.93 2.96
C ALA C 421 -15.42 7.34 2.33
N HIS C 422 -15.98 8.33 3.04
CA HIS C 422 -15.82 9.69 2.63
C HIS C 422 -14.42 10.16 2.94
N GLU C 423 -13.72 9.50 3.84
CA GLU C 423 -12.35 9.88 4.17
C GLU C 423 -11.27 8.97 3.61
N VAL C 424 -11.49 7.65 3.75
CA VAL C 424 -10.44 6.71 3.47
C VAL C 424 -10.96 5.57 2.61
N GLY C 425 -10.06 4.67 2.24
CA GLY C 425 -10.45 3.44 1.56
C GLY C 425 -10.23 3.36 0.07
N SER C 426 -9.83 4.44 -0.57
CA SER C 426 -9.50 4.38 -1.95
C SER C 426 -8.65 5.55 -2.32
N ILE C 427 -8.00 5.43 -3.46
CA ILE C 427 -7.28 6.54 -4.07
C ILE C 427 -8.19 7.29 -5.02
N GLU C 428 -8.88 8.29 -4.45
CA GLU C 428 -9.76 9.18 -5.17
C GLU C 428 -9.54 10.59 -4.69
N GLU C 429 -9.79 11.55 -5.57
CA GLU C 429 -9.60 12.95 -5.22
C GLU C 429 -10.53 13.30 -4.11
N GLY C 430 -10.08 14.07 -3.13
CA GLY C 430 -10.93 14.49 -2.02
C GLY C 430 -10.75 13.60 -0.80
N LYS C 431 -10.03 12.46 -0.89
CA LYS C 431 -9.87 11.60 0.28
CA LYS C 431 -9.88 11.58 0.27
C LYS C 431 -8.52 11.77 0.93
N PHE C 432 -8.42 11.32 2.17
CA PHE C 432 -7.21 11.48 2.97
C PHE C 432 -6.06 10.75 2.32
N ALA C 433 -4.85 11.29 2.40
CA ALA C 433 -3.76 10.70 1.65
C ALA C 433 -3.06 9.64 2.47
N ASP C 434 -3.77 8.56 2.65
CA ASP C 434 -3.23 7.31 3.16
C ASP C 434 -2.88 6.42 1.99
N LEU C 435 -1.61 6.26 1.70
CA LEU C 435 -1.13 5.59 0.48
C LEU C 435 0.00 4.64 0.85
N VAL C 436 0.05 3.52 0.16
CA VAL C 436 1.10 2.55 0.35
C VAL C 436 1.79 2.32 -0.95
N LEU C 437 3.12 2.49 -0.92
CA LEU C 437 3.95 2.14 -2.06
C LEU C 437 4.51 0.78 -1.89
N TRP C 438 4.42 -0.01 -2.93
CA TRP C 438 4.98 -1.35 -2.97
C TRP C 438 5.90 -1.58 -4.18
N GLU C 439 7.06 -2.15 -3.90
CA GLU C 439 7.83 -2.77 -4.99
C GLU C 439 7.03 -3.95 -5.46
N PRO C 440 6.91 -4.12 -6.76
CA PRO C 440 6.09 -5.27 -7.24
C PRO C 440 6.61 -6.61 -6.75
N LYS C 441 7.91 -6.74 -6.56
CA LYS C 441 8.46 -7.99 -5.99
C LYS C 441 7.99 -8.28 -4.56
N PHE C 442 7.58 -7.25 -3.84
CA PHE C 442 7.19 -7.37 -2.43
C PHE C 442 5.70 -7.11 -2.25
N PHE C 443 4.98 -7.00 -3.36
CA PHE C 443 3.60 -6.59 -3.29
C PHE C 443 2.77 -7.47 -2.35
N GLY C 444 2.00 -6.85 -1.45
CA GLY C 444 1.15 -7.57 -0.53
C GLY C 444 1.92 -8.20 0.61
N VAL C 445 3.25 -8.14 0.58
CA VAL C 445 4.06 -8.85 1.52
C VAL C 445 4.69 -7.84 2.49
N LYS C 446 5.50 -6.89 1.99
CA LYS C 446 6.12 -5.90 2.81
C LYS C 446 6.06 -4.53 2.13
N ALA C 447 5.39 -3.58 2.79
CA ALA C 447 5.21 -2.28 2.26
C ALA C 447 6.59 -1.57 2.21
N ASP C 448 6.85 -0.88 1.10
CA ASP C 448 8.03 -0.04 0.94
C ASP C 448 7.90 1.26 1.80
N ARG C 449 6.87 2.04 1.52
CA ARG C 449 6.61 3.27 2.26
C ARG C 449 5.12 3.41 2.47
N VAL C 450 4.75 3.70 3.70
CA VAL C 450 3.36 3.97 4.08
C VAL C 450 3.20 5.46 4.43
N ILE C 451 2.41 6.13 3.61
CA ILE C 451 2.08 7.57 3.75
C ILE C 451 0.80 7.69 4.51
N LYS C 452 0.84 8.52 5.56
N LYS C 452 0.83 8.51 5.57
CA LYS C 452 -0.35 8.82 6.37
CA LYS C 452 -0.38 8.80 6.35
C LYS C 452 -0.57 10.33 6.39
C LYS C 452 -0.58 10.31 6.43
N GLY C 453 -1.77 10.76 6.01
CA GLY C 453 -2.04 12.17 5.90
C GLY C 453 -1.03 12.95 5.11
N GLY C 454 -0.48 12.37 4.04
CA GLY C 454 0.54 13.08 3.23
C GLY C 454 1.98 13.10 3.73
N ILE C 455 2.29 12.43 4.84
CA ILE C 455 3.64 12.38 5.36
C ILE C 455 4.01 10.89 5.55
N ILE C 456 5.23 10.48 5.23
CA ILE C 456 5.60 9.09 5.42
C ILE C 456 5.57 8.74 6.91
N ALA C 457 4.85 7.66 7.26
CA ALA C 457 4.76 7.20 8.64
C ALA C 457 5.60 5.96 8.93
N TYR C 458 5.84 5.17 7.92
CA TYR C 458 6.51 3.90 8.08
C TYR C 458 7.24 3.56 6.80
N ALA C 459 8.40 2.94 6.93
CA ALA C 459 9.19 2.62 5.75
C ALA C 459 10.19 1.51 6.07
N GLN C 460 10.48 0.71 5.02
CA GLN C 460 11.53 -0.27 5.00
C GLN C 460 12.76 0.53 4.58
N ILE C 461 13.64 0.82 5.51
CA ILE C 461 14.82 1.62 5.22
C ILE C 461 16.02 1.06 6.03
N GLY C 462 17.21 1.36 5.59
CA GLY C 462 18.40 0.83 6.23
C GLY C 462 19.08 1.63 7.33
N ASP C 463 20.34 1.29 7.51
CA ASP C 463 21.19 1.77 8.56
C ASP C 463 21.11 3.32 8.72
N PRO C 464 20.59 3.80 9.84
CA PRO C 464 20.51 5.27 10.05
C PRO C 464 21.88 6.00 10.16
N SER C 465 22.94 5.24 10.37
CA SER C 465 24.26 5.82 10.51
C SER C 465 25.05 5.82 9.19
N ALA C 466 24.46 5.29 8.13
CA ALA C 466 25.13 5.21 6.80
C ALA C 466 25.07 6.50 5.98
N SER C 467 25.89 6.49 4.93
CA SER C 467 26.01 7.61 4.03
C SER C 467 24.76 7.78 3.17
N ILE C 468 24.04 6.69 2.98
CA ILE C 468 22.79 6.65 2.21
C ILE C 468 21.84 5.70 2.95
N PRO C 469 20.55 5.69 2.56
CA PRO C 469 19.54 5.04 3.42
C PRO C 469 19.32 3.55 3.13
N THR C 470 19.99 3.06 2.11
CA THR C 470 19.86 1.69 1.67
C THR C 470 20.78 0.61 2.32
N PRO C 471 21.92 0.94 2.92
CA PRO C 471 22.70 -0.14 3.47
C PRO C 471 21.99 -0.90 4.59
N GLN C 472 22.41 -2.14 4.80
CA GLN C 472 21.77 -3.03 5.74
C GLN C 472 22.05 -2.55 7.17
N PRO C 473 21.14 -2.84 8.11
CA PRO C 473 19.95 -3.66 7.87
C PRO C 473 18.69 -2.88 7.45
N VAL C 474 18.09 -3.29 6.34
CA VAL C 474 16.79 -2.75 5.90
C VAL C 474 15.67 -3.40 6.63
N MET C 475 14.92 -2.59 7.37
N MET C 475 14.85 -2.58 7.26
CA MET C 475 13.85 -3.06 8.24
CA MET C 475 13.84 -3.03 8.19
C MET C 475 12.76 -2.00 8.30
C MET C 475 12.73 -1.99 8.25
N GLY C 476 11.58 -2.42 8.73
CA GLY C 476 10.46 -1.52 8.92
C GLY C 476 10.73 -0.61 10.10
N ARG C 477 10.50 0.67 9.89
CA ARG C 477 10.75 1.63 10.94
C ARG C 477 9.70 2.75 10.85
N ARG C 478 9.41 3.34 12.02
CA ARG C 478 8.54 4.52 12.08
C ARG C 478 9.29 5.74 11.62
N MET C 479 8.64 6.60 10.82
CA MET C 479 9.27 7.77 10.21
C MET C 479 8.75 9.04 10.84
N TYR C 480 9.12 10.20 10.32
CA TYR C 480 8.81 11.44 11.00
C TYR C 480 7.31 11.66 11.21
N GLY C 481 6.48 11.08 10.38
CA GLY C 481 5.08 11.26 10.58
C GLY C 481 4.55 10.78 11.92
N THR C 482 5.30 9.89 12.56
CA THR C 482 4.85 9.34 13.81
C THR C 482 5.47 10.11 14.97
N VAL C 483 6.36 11.05 14.72
CA VAL C 483 7.07 11.67 15.81
C VAL C 483 6.48 13.00 16.29
N GLY C 484 6.59 13.24 17.60
CA GLY C 484 6.16 14.51 18.19
C GLY C 484 4.70 14.77 17.95
N ASP C 485 4.39 15.98 17.56
CA ASP C 485 2.99 16.36 17.40
C ASP C 485 2.47 16.03 16.03
N LEU C 486 3.37 15.62 15.15
CA LEU C 486 2.99 15.31 13.80
C LEU C 486 2.11 14.07 13.76
N ILE C 487 2.26 13.16 14.74
CA ILE C 487 1.30 12.06 14.91
C ILE C 487 -0.19 12.45 14.96
N HIS C 488 -0.47 13.67 15.37
CA HIS C 488 -1.81 14.20 15.44
C HIS C 488 -2.43 14.59 14.11
N ASP C 489 -1.62 15.11 13.20
CA ASP C 489 -2.13 15.59 11.93
C ASP C 489 -2.14 14.53 10.88
N THR C 490 -1.41 13.45 11.13
CA THR C 490 -1.27 12.43 10.11
C THR C 490 -2.24 11.30 10.35
N ASN C 491 -3.01 11.33 11.43
CA ASN C 491 -3.94 10.23 11.73
C ASN C 491 -5.29 10.71 12.15
N ILE C 492 -6.31 9.87 11.91
CA ILE C 492 -7.70 10.24 12.18
C ILE C 492 -8.21 9.38 13.31
N THR C 493 -8.86 9.98 14.30
CA THR C 493 -9.73 9.26 15.22
C THR C 493 -11.19 9.37 14.72
N PHE C 494 -11.79 8.22 14.31
CA PHE C 494 -13.15 8.21 13.82
C PHE C 494 -14.08 8.11 15.01
N MET C 495 -15.12 8.96 15.03
CA MET C 495 -16.08 8.99 16.16
C MET C 495 -17.51 9.23 15.65
N SER C 496 -18.50 8.92 16.50
CA SER C 496 -19.91 9.13 16.22
C SER C 496 -20.20 10.62 16.14
N LYS C 497 -21.15 10.97 15.30
CA LYS C 497 -21.69 12.33 15.20
C LYS C 497 -22.08 12.89 16.56
N SER C 498 -22.74 12.13 17.39
CA SER C 498 -23.16 12.68 18.64
C SER C 498 -22.01 13.01 19.58
N SER C 499 -20.99 12.14 19.63
CA SER C 499 -19.81 12.48 20.44
C SER C 499 -19.12 13.76 20.00
N ILE C 500 -19.00 13.90 18.67
CA ILE C 500 -18.48 15.07 18.06
C ILE C 500 -19.32 16.35 18.37
N GLN C 501 -20.61 16.24 18.20
CA GLN C 501 -21.47 17.34 18.57
C GLN C 501 -21.44 17.70 20.05
N GLN C 502 -21.23 16.73 20.94
CA GLN C 502 -21.16 16.99 22.36
C GLN C 502 -19.75 17.39 22.80
N GLY C 503 -18.83 17.60 21.87
CA GLY C 503 -17.57 18.19 22.27
C GLY C 503 -16.64 17.18 22.95
N VAL C 504 -16.84 15.90 22.68
CA VAL C 504 -15.94 14.93 23.31
C VAL C 504 -14.44 15.21 23.07
N PRO C 505 -14.07 15.56 21.86
CA PRO C 505 -12.63 15.71 21.67
C PRO C 505 -11.98 16.79 22.52
N ALA C 506 -12.66 17.94 22.62
CA ALA C 506 -12.26 18.99 23.51
C ALA C 506 -12.29 18.57 24.95
N LYS C 507 -13.31 17.83 25.32
N LYS C 507 -13.31 17.84 25.37
CA LYS C 507 -13.42 17.36 26.68
CA LYS C 507 -13.32 17.40 26.78
C LYS C 507 -12.19 16.55 27.07
C LYS C 507 -12.14 16.55 27.10
N LEU C 508 -11.78 15.65 26.19
CA LEU C 508 -10.69 14.78 26.46
C LEU C 508 -9.36 15.40 26.09
N GLY C 509 -9.34 16.48 25.35
CA GLY C 509 -8.03 17.00 24.90
C GLY C 509 -7.42 16.27 23.72
N LEU C 510 -8.27 15.64 22.88
CA LEU C 510 -7.77 14.92 21.74
C LEU C 510 -7.25 15.90 20.76
N LYS C 511 -6.06 15.68 20.24
CA LYS C 511 -5.48 16.57 19.25
C LYS C 511 -5.42 16.00 17.83
N ARG C 512 -5.82 14.76 17.70
CA ARG C 512 -5.82 14.08 16.41
C ARG C 512 -6.91 14.67 15.50
N ARG C 513 -6.78 14.46 14.21
CA ARG C 513 -7.88 14.82 13.33
C ARG C 513 -9.08 13.99 13.74
N ILE C 514 -10.26 14.57 13.69
CA ILE C 514 -11.46 13.88 14.07
C ILE C 514 -12.28 13.61 12.85
N GLY C 515 -12.57 12.33 12.62
CA GLY C 515 -13.34 11.91 11.53
C GLY C 515 -14.72 11.50 11.98
N THR C 516 -15.71 11.89 11.21
CA THR C 516 -17.07 11.53 11.45
C THR C 516 -17.52 10.23 10.79
N VAL C 517 -18.09 9.37 11.59
CA VAL C 517 -18.76 8.18 11.09
C VAL C 517 -20.17 8.54 10.60
N LYS C 518 -20.48 8.19 9.37
CA LYS C 518 -21.78 8.43 8.79
C LYS C 518 -22.14 7.58 7.59
N ASN C 519 -23.44 7.60 7.29
CA ASN C 519 -24.05 6.84 6.18
C ASN C 519 -23.83 5.31 6.21
N CYS C 520 -24.01 4.73 7.38
CA CYS C 520 -23.92 3.25 7.58
C CYS C 520 -25.21 2.47 7.55
N ARG C 521 -26.38 3.17 7.59
CA ARG C 521 -27.70 2.55 7.90
C ARG C 521 -28.57 2.36 6.68
N ASN C 522 -28.17 2.98 5.59
CA ASN C 522 -28.90 3.07 4.35
C ASN C 522 -28.15 2.27 3.24
N ILE C 523 -27.27 1.35 3.61
CA ILE C 523 -26.49 0.67 2.62
C ILE C 523 -26.85 -0.81 2.69
N GLY C 524 -26.32 -1.60 1.76
CA GLY C 524 -26.43 -3.04 1.74
C GLY C 524 -25.31 -3.71 0.96
N LYS C 525 -25.41 -5.03 0.87
CA LYS C 525 -24.56 -5.84 0.02
C LYS C 525 -24.38 -5.22 -1.37
N LYS C 526 -25.43 -4.60 -1.92
CA LYS C 526 -25.34 -4.04 -3.26
C LYS C 526 -24.35 -2.84 -3.36
N ASP C 527 -24.04 -2.24 -2.21
CA ASP C 527 -23.06 -1.16 -2.17
C ASP C 527 -21.61 -1.62 -2.01
N MET C 528 -21.36 -2.90 -1.88
CA MET C 528 -19.97 -3.38 -1.79
C MET C 528 -19.40 -3.48 -3.19
N LYS C 529 -18.33 -2.74 -3.46
CA LYS C 529 -17.69 -2.68 -4.77
C LYS C 529 -17.13 -4.01 -5.23
N TRP C 530 -17.51 -4.39 -6.44
CA TRP C 530 -17.11 -5.63 -7.11
C TRP C 530 -17.46 -6.88 -6.26
N ASN C 531 -18.23 -6.75 -5.19
CA ASN C 531 -18.52 -7.88 -4.32
C ASN C 531 -19.95 -7.76 -3.84
N ASP C 532 -20.87 -7.70 -4.78
CA ASP C 532 -22.23 -7.30 -4.46
C ASP C 532 -23.30 -8.36 -4.67
N VAL C 533 -22.85 -9.61 -4.71
CA VAL C 533 -23.74 -10.73 -5.00
C VAL C 533 -24.54 -11.16 -3.78
N THR C 534 -25.87 -11.19 -3.96
CA THR C 534 -26.80 -11.84 -3.01
C THR C 534 -27.28 -13.14 -3.65
N THR C 535 -27.55 -14.16 -2.84
CA THR C 535 -27.95 -15.51 -3.34
C THR C 535 -28.42 -16.36 -2.17
N ASP C 536 -29.10 -17.47 -2.44
CA ASP C 536 -29.46 -18.42 -1.39
CA ASP C 536 -29.42 -18.39 -1.35
C ASP C 536 -28.28 -19.37 -1.16
N ILE C 537 -27.67 -19.31 0.02
CA ILE C 537 -26.61 -20.22 0.42
C ILE C 537 -27.24 -21.26 1.32
N ASP C 538 -27.10 -22.52 0.94
CA ASP C 538 -27.54 -23.60 1.79
C ASP C 538 -26.35 -24.36 2.35
N ILE C 539 -26.42 -24.60 3.64
CA ILE C 539 -25.45 -25.40 4.32
C ILE C 539 -26.16 -26.62 4.92
N ASN C 540 -25.82 -27.80 4.40
CA ASN C 540 -26.42 -29.03 4.84
C ASN C 540 -26.08 -29.32 6.30
N PRO C 541 -27.10 -29.49 7.14
CA PRO C 541 -26.80 -29.62 8.56
C PRO C 541 -26.17 -30.98 8.95
N GLU C 542 -26.33 -32.00 8.11
CA GLU C 542 -25.67 -33.28 8.36
C GLU C 542 -24.29 -33.36 7.79
N THR C 543 -24.13 -32.99 6.52
CA THR C 543 -22.82 -33.12 5.83
C THR C 543 -22.03 -31.82 5.80
N TYR C 544 -22.68 -30.71 6.18
CA TYR C 544 -22.02 -29.39 6.09
C TYR C 544 -21.65 -28.97 4.66
N GLU C 545 -22.14 -29.67 3.64
CA GLU C 545 -21.80 -29.23 2.31
C GLU C 545 -22.57 -27.94 1.93
N VAL C 546 -21.90 -27.11 1.18
CA VAL C 546 -22.35 -25.78 0.90
C VAL C 546 -22.84 -25.78 -0.54
N LYS C 547 -24.07 -25.30 -0.72
CA LYS C 547 -24.64 -25.05 -2.04
C LYS C 547 -25.02 -23.62 -2.25
N VAL C 548 -24.86 -23.20 -3.50
CA VAL C 548 -25.27 -21.87 -3.96
C VAL C 548 -25.90 -22.02 -5.34
N ASP C 549 -27.13 -21.57 -5.55
CA ASP C 549 -27.78 -21.89 -6.84
C ASP C 549 -27.77 -23.41 -7.09
N GLY C 550 -28.14 -24.16 -6.06
CA GLY C 550 -28.14 -25.61 -6.18
C GLY C 550 -26.85 -26.25 -6.65
N GLU C 551 -25.74 -25.52 -6.72
CA GLU C 551 -24.46 -26.09 -7.08
C GLU C 551 -23.64 -26.30 -5.81
N VAL C 552 -23.06 -27.49 -5.64
CA VAL C 552 -22.23 -27.76 -4.47
C VAL C 552 -20.89 -27.10 -4.64
N LEU C 553 -20.38 -26.50 -3.57
CA LEU C 553 -19.13 -25.79 -3.61
C LEU C 553 -18.11 -26.62 -2.87
N THR C 554 -17.20 -27.27 -3.60
CA THR C 554 -16.08 -27.95 -3.00
C THR C 554 -14.78 -27.40 -3.56
N CYS C 555 -13.73 -27.55 -2.80
CA CYS C 555 -12.43 -27.09 -3.22
C CYS C 555 -11.36 -27.82 -2.44
N GLU C 556 -10.19 -27.91 -3.01
CA GLU C 556 -9.07 -28.58 -2.40
C GLU C 556 -8.20 -27.58 -1.66
N PRO C 557 -7.64 -27.99 -0.54
CA PRO C 557 -6.55 -27.23 0.10
C PRO C 557 -5.24 -27.37 -0.72
N VAL C 558 -4.34 -26.41 -0.60
CA VAL C 558 -3.05 -26.43 -1.28
C VAL C 558 -1.91 -26.66 -0.26
N LYS C 559 -0.81 -27.26 -0.72
CA LYS C 559 0.37 -27.51 0.13
C LYS C 559 1.34 -26.36 0.23
N GLU C 560 1.27 -25.45 -0.73
CA GLU C 560 2.20 -24.38 -0.76
C GLU C 560 1.53 -23.10 -1.21
N LEU C 561 1.99 -21.97 -0.70
CA LEU C 561 1.50 -20.67 -1.15
C LEU C 561 2.61 -19.76 -1.60
N PRO C 562 2.29 -18.80 -2.48
CA PRO C 562 3.18 -17.71 -2.75
C PRO C 562 3.25 -16.75 -1.56
N MET C 563 4.06 -15.74 -1.65
CA MET C 563 4.13 -14.72 -0.58
C MET C 563 4.36 -15.33 0.80
N ALA C 564 5.23 -16.33 0.85
CA ALA C 564 5.51 -17.10 2.06
C ALA C 564 7.02 -17.37 2.30
N GLN C 565 7.52 -18.59 2.05
CA GLN C 565 8.88 -18.87 2.45
C GLN C 565 9.97 -18.14 1.65
N ARG C 566 9.64 -17.64 0.46
CA ARG C 566 10.58 -16.82 -0.26
C ARG C 566 10.94 -15.51 0.48
N TYR C 567 10.02 -15.04 1.34
CA TYR C 567 10.07 -13.67 1.92
C TYR C 567 10.42 -13.57 3.40
N PHE C 568 10.08 -14.58 4.21
CA PHE C 568 10.06 -14.40 5.65
C PHE C 568 11.17 -15.13 6.36
N LEU C 569 11.75 -14.45 7.32
CA LEU C 569 12.86 -15.03 8.02
C LEU C 569 12.41 -16.08 9.02
N PHE C 570 11.14 -16.03 9.43
CA PHE C 570 10.58 -17.08 10.28
C PHE C 570 9.20 -17.41 9.84
C1 EDO D . 42.23 -1.59 3.98
O1 EDO D . 40.85 -1.77 3.67
C2 EDO D . 42.58 -0.13 4.16
O2 EDO D . 43.96 -0.05 4.48
S SO4 E . 12.27 -23.04 -4.80
O1 SO4 E . 12.10 -24.12 -5.80
O2 SO4 E . 10.95 -22.45 -4.35
O3 SO4 E . 13.02 -22.02 -5.50
O4 SO4 E . 13.09 -23.57 -3.68
C1 EDO F . 20.59 15.32 -28.43
O1 EDO F . 19.61 15.52 -29.50
C2 EDO F . 21.64 14.21 -28.70
O2 EDO F . 22.32 13.80 -27.49
S SO4 G . 14.65 43.91 -19.24
O1 SO4 G . 13.88 44.39 -20.41
O2 SO4 G . 13.69 43.47 -18.17
O3 SO4 G . 15.46 45.00 -18.67
O4 SO4 G . 15.61 42.84 -19.61
NI NI H . -15.43 -13.15 16.70
NI NI I . -12.62 -11.14 17.04
C1 EDO J . -29.31 -22.69 5.17
O1 EDO J . -28.27 -23.65 5.34
C2 EDO J . -29.20 -21.70 6.31
O2 EDO J . -29.43 -22.35 7.56
C1 EDO K . 0.22 12.83 -25.56
O1 EDO K . -0.84 13.33 -24.75
C2 EDO K . 0.54 11.45 -25.01
O2 EDO K . 1.93 11.25 -24.94
C1 EDO L . -2.62 29.78 -11.10
O1 EDO L . -3.55 30.52 -11.88
C2 EDO L . -1.96 28.67 -11.87
O2 EDO L . -2.97 27.68 -12.09
C1 EDO M . 3.44 1.94 20.79
O1 EDO M . 2.92 1.08 19.78
C2 EDO M . 2.65 3.21 20.59
O2 EDO M . 3.65 4.16 20.47
C1 EDO N . -0.26 8.33 -22.77
O1 EDO N . -0.69 9.33 -23.68
C2 EDO N . -0.78 6.99 -23.24
O2 EDO N . -2.19 7.06 -23.33
C1 EDO O . -11.40 17.94 11.40
O1 EDO O . -12.48 18.08 12.33
C2 EDO O . -10.04 17.93 12.09
O2 EDO O . -10.26 17.20 13.28
C1 EDO P . -6.11 10.09 -21.06
O1 EDO P . -5.87 8.70 -21.34
C2 EDO P . -6.50 10.17 -19.61
O2 EDO P . -6.91 8.86 -19.17
C1 EDO Q . -9.71 14.95 8.70
O1 EDO Q . -9.24 16.35 8.76
C2 EDO Q . -11.20 14.82 9.09
O2 EDO Q . -12.03 15.65 8.24
S SO4 R . -14.26 -17.10 20.40
O1 SO4 R . -13.78 -17.01 18.96
O2 SO4 R . -15.62 -17.74 20.54
O3 SO4 R . -14.15 -15.74 21.04
O4 SO4 R . -13.31 -17.97 21.12
O OH S . -13.51 -12.97 16.37
S SO4 T . -10.26 10.78 -17.45
O1 SO4 T . -11.38 10.25 -18.26
O2 SO4 T . -10.65 11.09 -16.04
O3 SO4 T . -9.72 12.01 -18.09
O4 SO4 T . -9.26 9.69 -17.51
S SO4 U . -7.17 31.36 -11.48
O1 SO4 U . -7.76 30.13 -12.09
O2 SO4 U . -8.40 32.14 -11.27
O3 SO4 U . -6.39 32.18 -12.45
O4 SO4 U . -6.42 31.09 -10.16
C1 HQE V . -12.46 -24.54 -6.24
C2 HQE V . -11.41 -25.27 -5.64
C3 HQE V . -10.77 -26.30 -6.39
O3 HQE V . -9.77 -26.99 -5.77
C4 HQE V . -11.15 -26.64 -7.73
C5 HQE V . -12.19 -25.91 -8.35
C6 HQE V . -12.85 -24.82 -7.55
O6 HQE V . -13.86 -24.05 -8.04
C1 HQE W . -6.52 -17.57 23.20
C2 HQE W . -6.04 -18.90 23.19
C3 HQE W . -4.92 -19.26 24.13
O3 HQE W . -4.42 -20.55 24.16
C4 HQE W . -4.42 -18.24 24.95
C5 HQE W . -4.94 -16.94 24.92
C6 HQE W . -5.97 -16.58 24.05
O6 HQE W . -6.49 -15.29 24.01
S SO4 X . -0.07 -27.20 -4.22
O1 SO4 X . 1.01 -27.97 -4.89
O2 SO4 X . -0.84 -26.41 -5.25
O3 SO4 X . 0.54 -26.19 -3.28
O4 SO4 X . -0.95 -28.18 -3.51
S SO4 Y . -2.57 21.35 -22.53
O1 SO4 Y . -2.01 22.37 -23.46
O2 SO4 Y . -2.58 20.03 -23.21
O3 SO4 Y . -3.94 21.66 -22.07
O4 SO4 Y . -1.64 21.32 -21.38
S SO4 Z . 14.87 9.10 -16.27
O1 SO4 Z . 13.98 9.04 -17.46
O2 SO4 Z . 14.03 9.48 -15.09
O3 SO4 Z . 15.92 10.15 -16.42
O4 SO4 Z . 15.56 7.78 -16.22
S SO4 AA . -15.13 -24.11 -11.06
O1 SO4 AA . -14.17 -23.56 -12.06
O2 SO4 AA . -16.43 -24.33 -11.76
O3 SO4 AA . -15.34 -23.15 -9.94
O4 SO4 AA . -14.64 -25.38 -10.48
#